data_2Q1R
# 
_entry.id   2Q1R 
# 
_audit_conform.dict_name       mmcif_pdbx.dic 
_audit_conform.dict_version    5.389 
_audit_conform.dict_location   http://mmcif.pdb.org/dictionaries/ascii/mmcif_pdbx.dic 
# 
loop_
_database_2.database_id 
_database_2.database_code 
_database_2.pdbx_database_accession 
_database_2.pdbx_DOI 
PDB   2Q1R         pdb_00002q1r 10.2210/pdb2q1r/pdb 
NDB   AR0079       ?            ?                   
RCSB  RCSB043040   ?            ?                   
WWPDB D_1000043040 ?            ?                   
# 
loop_
_pdbx_audit_revision_history.ordinal 
_pdbx_audit_revision_history.data_content_type 
_pdbx_audit_revision_history.major_revision 
_pdbx_audit_revision_history.minor_revision 
_pdbx_audit_revision_history.revision_date 
1 'Structure model' 1 0 2007-10-30 
2 'Structure model' 1 1 2011-07-13 
3 'Structure model' 1 2 2024-02-21 
4 'Structure model' 1 3 2024-04-03 
# 
_pdbx_audit_revision_details.ordinal             1 
_pdbx_audit_revision_details.revision_ordinal    1 
_pdbx_audit_revision_details.data_content_type   'Structure model' 
_pdbx_audit_revision_details.provider            repository 
_pdbx_audit_revision_details.type                'Initial release' 
_pdbx_audit_revision_details.description         ? 
_pdbx_audit_revision_details.details             ? 
# 
loop_
_pdbx_audit_revision_group.ordinal 
_pdbx_audit_revision_group.revision_ordinal 
_pdbx_audit_revision_group.data_content_type 
_pdbx_audit_revision_group.group 
1 2 'Structure model' 'Version format compliance' 
2 3 'Structure model' 'Data collection'           
3 3 'Structure model' 'Database references'       
4 3 'Structure model' 'Derived calculations'      
5 4 'Structure model' 'Refinement description'    
# 
loop_
_pdbx_audit_revision_category.ordinal 
_pdbx_audit_revision_category.revision_ordinal 
_pdbx_audit_revision_category.data_content_type 
_pdbx_audit_revision_category.category 
1 3 'Structure model' chem_comp_atom                
2 3 'Structure model' chem_comp_bond                
3 3 'Structure model' database_2                    
4 3 'Structure model' pdbx_struct_conn_angle        
5 3 'Structure model' struct_conn                   
6 3 'Structure model' struct_ref_seq                
7 3 'Structure model' struct_site                   
8 4 'Structure model' pdbx_initial_refinement_model 
# 
loop_
_pdbx_audit_revision_item.ordinal 
_pdbx_audit_revision_item.revision_ordinal 
_pdbx_audit_revision_item.data_content_type 
_pdbx_audit_revision_item.item 
1  3 'Structure model' '_database_2.pdbx_DOI'                      
2  3 'Structure model' '_database_2.pdbx_database_accession'       
3  3 'Structure model' '_pdbx_struct_conn_angle.ptnr1_auth_seq_id' 
4  3 'Structure model' '_pdbx_struct_conn_angle.ptnr3_auth_seq_id' 
5  3 'Structure model' '_pdbx_struct_conn_angle.value'             
6  3 'Structure model' '_struct_conn.pdbx_dist_value'              
7  3 'Structure model' '_struct_conn.ptnr2_auth_seq_id'            
8  3 'Structure model' '_struct_ref_seq.db_align_beg'              
9  3 'Structure model' '_struct_ref_seq.db_align_end'              
10 3 'Structure model' '_struct_site.pdbx_auth_asym_id'            
11 3 'Structure model' '_struct_site.pdbx_auth_comp_id'            
12 3 'Structure model' '_struct_site.pdbx_auth_seq_id'             
# 
_pdbx_database_status.status_code                     REL 
_pdbx_database_status.entry_id                        2Q1R 
_pdbx_database_status.recvd_initial_deposition_date   2007-05-25 
_pdbx_database_status.deposit_site                    RCSB 
_pdbx_database_status.process_site                    RCSB 
_pdbx_database_status.status_code_sf                  REL 
_pdbx_database_status.status_code_mr                  ? 
_pdbx_database_status.SG_entry                        ? 
_pdbx_database_status.status_code_cs                  ? 
_pdbx_database_status.methods_development_category    ? 
_pdbx_database_status.pdb_format_compatible           Y 
_pdbx_database_status.status_code_nmr_data            ? 
# 
loop_
_audit_author.name 
_audit_author.pdbx_ordinal 
'Li, F.'       1 
'Pallan, P.S.' 2 
# 
_citation.id                        primary 
_citation.title                     
;Crystal structure, stability and in vitro RNAi activity of oligoribonucleotides containing the ribo-difluorotoluyl nucleotide: insights into substrate requirements by the human RISC Ago2 enzyme.
;
_citation.journal_abbrev            'Nucleic Acids Res.' 
_citation.journal_volume            35 
_citation.page_first                6424 
_citation.page_last                 6438 
_citation.year                      2007 
_citation.journal_id_ASTM           NARHAD 
_citation.country                   UK 
_citation.journal_id_ISSN           0305-1048 
_citation.journal_id_CSD            0389 
_citation.book_publisher            ? 
_citation.pdbx_database_id_PubMed   17881374 
_citation.pdbx_database_id_DOI      10.1093/nar/gkm664 
# 
loop_
_citation_author.citation_id 
_citation_author.name 
_citation_author.ordinal 
_citation_author.identifier_ORCID 
primary 'Li, F.'        1  ? 
primary 'Pallan, P.S.'  2  ? 
primary 'Maier, M.A.'   3  ? 
primary 'Rajeev, K.G.'  4  ? 
primary 'Mathieu, S.L.' 5  ? 
primary 'Kreutz, C.'    6  ? 
primary 'Fan, Y.'       7  ? 
primary 'Sanghvi, J.'   8  ? 
primary 'Micura, R.'    9  ? 
primary 'Rozners, E.'   10 ? 
primary 'Manoharan, M.' 11 ? 
primary 'Egli, M.'      12 ? 
# 
loop_
_entity.id 
_entity.type 
_entity.src_method 
_entity.pdbx_description 
_entity.formula_weight 
_entity.pdbx_number_of_molecules 
_entity.pdbx_ec 
_entity.pdbx_mutation 
_entity.pdbx_fragment 
_entity.details 
1 polymer     man 
;RNA (5'-R(*CP*GP*CP*GP*AP*AP*UP*UP*AP*GP*CP*G)-3')
;
3851.360 1  ? ? ? ? 
2 non-polymer syn 'MAGNESIUM ION'                                      24.305   2  ? ? ? ? 
3 water       nat water                                                18.015   75 ? ? ? ? 
# 
_entity_poly.entity_id                      1 
_entity_poly.type                           polyribonucleotide 
_entity_poly.nstd_linkage                   no 
_entity_poly.nstd_monomer                   no 
_entity_poly.pdbx_seq_one_letter_code       CGCGAAUUAGCG 
_entity_poly.pdbx_seq_one_letter_code_can   CGCGAAUUAGCG 
_entity_poly.pdbx_strand_id                 A 
_entity_poly.pdbx_target_identifier         ? 
# 
loop_
_pdbx_entity_nonpoly.entity_id 
_pdbx_entity_nonpoly.name 
_pdbx_entity_nonpoly.comp_id 
2 'MAGNESIUM ION' MG  
3 water           HOH 
# 
loop_
_entity_poly_seq.entity_id 
_entity_poly_seq.num 
_entity_poly_seq.mon_id 
_entity_poly_seq.hetero 
1 1  C n 
1 2  G n 
1 3  C n 
1 4  G n 
1 5  A n 
1 6  A n 
1 7  U n 
1 8  U n 
1 9  A n 
1 10 G n 
1 11 C n 
1 12 G n 
# 
_pdbx_entity_src_syn.entity_id              1 
_pdbx_entity_src_syn.pdbx_src_id            1 
_pdbx_entity_src_syn.pdbx_alt_source_flag   sample 
_pdbx_entity_src_syn.pdbx_beg_seq_num       ? 
_pdbx_entity_src_syn.pdbx_end_seq_num       ? 
_pdbx_entity_src_syn.organism_scientific    ? 
_pdbx_entity_src_syn.organism_common_name   ? 
_pdbx_entity_src_syn.ncbi_taxonomy_id       ? 
_pdbx_entity_src_syn.details                'Chemically synthesized' 
# 
loop_
_chem_comp.id 
_chem_comp.type 
_chem_comp.mon_nstd_flag 
_chem_comp.name 
_chem_comp.pdbx_synonyms 
_chem_comp.formula 
_chem_comp.formula_weight 
A   'RNA linking' y "ADENOSINE-5'-MONOPHOSPHATE" ? 'C10 H14 N5 O7 P' 347.221 
C   'RNA linking' y "CYTIDINE-5'-MONOPHOSPHATE"  ? 'C9 H14 N3 O8 P'  323.197 
G   'RNA linking' y "GUANOSINE-5'-MONOPHOSPHATE" ? 'C10 H14 N5 O8 P' 363.221 
HOH non-polymer   . WATER                        ? 'H2 O'            18.015  
MG  non-polymer   . 'MAGNESIUM ION'              ? 'Mg 2'            24.305  
U   'RNA linking' y "URIDINE-5'-MONOPHOSPHATE"   ? 'C9 H13 N2 O9 P'  324.181 
# 
loop_
_pdbx_poly_seq_scheme.asym_id 
_pdbx_poly_seq_scheme.entity_id 
_pdbx_poly_seq_scheme.seq_id 
_pdbx_poly_seq_scheme.mon_id 
_pdbx_poly_seq_scheme.ndb_seq_num 
_pdbx_poly_seq_scheme.pdb_seq_num 
_pdbx_poly_seq_scheme.auth_seq_num 
_pdbx_poly_seq_scheme.pdb_mon_id 
_pdbx_poly_seq_scheme.auth_mon_id 
_pdbx_poly_seq_scheme.pdb_strand_id 
_pdbx_poly_seq_scheme.pdb_ins_code 
_pdbx_poly_seq_scheme.hetero 
A 1 1  C 1  1001 1001 C C A . n 
A 1 2  G 2  1002 1002 G G A . n 
A 1 3  C 3  1003 1003 C C A . n 
A 1 4  G 4  1004 1004 G G A . n 
A 1 5  A 5  1005 1005 A A A . n 
A 1 6  A 6  1006 1006 A A A . n 
A 1 7  U 7  1007 1007 U U A . n 
A 1 8  U 8  1008 1008 U U A . n 
A 1 9  A 9  1009 1009 A A A . n 
A 1 10 G 10 1010 1010 G G A . n 
A 1 11 C 11 1011 1011 C C A . n 
A 1 12 G 12 1012 1012 G G A . n 
# 
loop_
_pdbx_nonpoly_scheme.asym_id 
_pdbx_nonpoly_scheme.entity_id 
_pdbx_nonpoly_scheme.mon_id 
_pdbx_nonpoly_scheme.ndb_seq_num 
_pdbx_nonpoly_scheme.pdb_seq_num 
_pdbx_nonpoly_scheme.auth_seq_num 
_pdbx_nonpoly_scheme.pdb_mon_id 
_pdbx_nonpoly_scheme.auth_mon_id 
_pdbx_nonpoly_scheme.pdb_strand_id 
_pdbx_nonpoly_scheme.pdb_ins_code 
B 2 MG  1  8001 8001 MG  MG  A . 
C 2 MG  1  8002 8002 MG  MG  A . 
D 3 HOH 1  9001 9001 HOH HOH A . 
D 3 HOH 2  9002 9002 HOH HOH A . 
D 3 HOH 3  9003 9003 HOH HOH A . 
D 3 HOH 4  9004 9004 HOH HOH A . 
D 3 HOH 5  9005 9005 HOH HOH A . 
D 3 HOH 6  9006 9006 HOH HOH A . 
D 3 HOH 7  9007 9007 HOH HOH A . 
D 3 HOH 8  9008 9008 HOH HOH A . 
D 3 HOH 9  9009 9009 HOH HOH A . 
D 3 HOH 10 9010 9010 HOH HOH A . 
D 3 HOH 11 9011 9011 HOH HOH A . 
D 3 HOH 12 9012 9012 HOH HOH A . 
D 3 HOH 13 9013 9013 HOH HOH A . 
D 3 HOH 14 9014 9014 HOH HOH A . 
D 3 HOH 15 9015 9015 HOH HOH A . 
D 3 HOH 16 9016 9016 HOH HOH A . 
D 3 HOH 17 9017 9017 HOH HOH A . 
D 3 HOH 18 9018 9018 HOH HOH A . 
D 3 HOH 19 9019 9019 HOH HOH A . 
D 3 HOH 20 9020 9020 HOH HOH A . 
D 3 HOH 21 9021 9021 HOH HOH A . 
D 3 HOH 22 9022 9022 HOH HOH A . 
D 3 HOH 23 9023 9023 HOH HOH A . 
D 3 HOH 24 9024 9024 HOH HOH A . 
D 3 HOH 25 9025 9025 HOH HOH A . 
D 3 HOH 26 9026 9026 HOH HOH A . 
D 3 HOH 27 9027 9027 HOH HOH A . 
D 3 HOH 28 9028 9028 HOH HOH A . 
D 3 HOH 29 9029 9029 HOH HOH A . 
D 3 HOH 30 9030 9030 HOH HOH A . 
D 3 HOH 31 9031 9031 HOH HOH A . 
D 3 HOH 32 9032 9032 HOH HOH A . 
D 3 HOH 33 9033 9033 HOH HOH A . 
D 3 HOH 34 9034 9034 HOH HOH A . 
D 3 HOH 35 9035 9035 HOH HOH A . 
D 3 HOH 36 9036 9036 HOH HOH A . 
D 3 HOH 37 9037 9037 HOH HOH A . 
D 3 HOH 38 9038 9038 HOH HOH A . 
D 3 HOH 39 9039 9039 HOH HOH A . 
D 3 HOH 40 9040 9040 HOH HOH A . 
D 3 HOH 41 9041 9041 HOH HOH A . 
D 3 HOH 42 9042 9042 HOH HOH A . 
D 3 HOH 43 9043 9043 HOH HOH A . 
D 3 HOH 44 9044 9044 HOH HOH A . 
D 3 HOH 45 9045 9045 HOH HOH A . 
D 3 HOH 46 9046 9046 HOH HOH A . 
D 3 HOH 47 9047 9047 HOH HOH A . 
D 3 HOH 48 9048 9048 HOH HOH A . 
D 3 HOH 49 9049 9049 HOH HOH A . 
D 3 HOH 50 9050 9050 HOH HOH A . 
D 3 HOH 51 9051 9052 HOH HOH A . 
D 3 HOH 52 9052 9053 HOH HOH A . 
D 3 HOH 53 9053 9054 HOH HOH A . 
D 3 HOH 54 9054 9055 HOH HOH A . 
D 3 HOH 55 9055 9056 HOH HOH A . 
D 3 HOH 56 9056 9058 HOH HOH A . 
D 3 HOH 57 9057 9059 HOH HOH A . 
D 3 HOH 58 9058 9060 HOH HOH A . 
D 3 HOH 59 9059 9063 HOH HOH A . 
D 3 HOH 60 9060 9064 HOH HOH A . 
D 3 HOH 61 9061 9065 HOH HOH A . 
D 3 HOH 62 9062 9066 HOH HOH A . 
D 3 HOH 63 9063 9067 HOH HOH A . 
D 3 HOH 64 9064 9068 HOH HOH A . 
D 3 HOH 65 9065 9069 HOH HOH A . 
D 3 HOH 66 9066 9070 HOH HOH A . 
D 3 HOH 67 9067 9071 HOH HOH A . 
D 3 HOH 68 9068 9072 HOH HOH A . 
D 3 HOH 69 9069 9073 HOH HOH A . 
D 3 HOH 70 9070 9074 HOH HOH A . 
D 3 HOH 71 9071 9075 HOH HOH A . 
D 3 HOH 72 9072 9076 HOH HOH A . 
D 3 HOH 73 9073 9078 HOH HOH A . 
D 3 HOH 74 9074 9079 HOH HOH A . 
D 3 HOH 75 9075 9080 HOH HOH A . 
# 
loop_
_software.name 
_software.classification 
_software.version 
_software.citation_id 
_software.pdbx_ordinal 
HKL-2000  'data collection' . ? 1 
EPMR      phasing           . ? 2 
SHELXL-97 refinement        . ? 3 
XDS       'data reduction'  . ? 4 
XDS       'data scaling'    . ? 5 
# 
_cell.entry_id           2Q1R 
_cell.length_a           41.339 
_cell.length_b           34.886 
_cell.length_c           32.118 
_cell.angle_alpha        90.00 
_cell.angle_beta         129.32 
_cell.angle_gamma        90.00 
_cell.Z_PDB              4 
_cell.pdbx_unique_axis   ? 
_cell.length_a_esd       ? 
_cell.length_b_esd       ? 
_cell.length_c_esd       ? 
_cell.angle_alpha_esd    ? 
_cell.angle_beta_esd     ? 
_cell.angle_gamma_esd    ? 
# 
_symmetry.entry_id                         2Q1R 
_symmetry.space_group_name_H-M             'C 1 2 1' 
_symmetry.pdbx_full_space_group_name_H-M   ? 
_symmetry.cell_setting                     ? 
_symmetry.Int_Tables_number                5 
_symmetry.space_group_name_Hall            ? 
# 
_exptl.entry_id          2Q1R 
_exptl.method            'X-RAY DIFFRACTION' 
_exptl.crystals_number   1 
# 
_exptl_crystal.id                    1 
_exptl_crystal.density_meas          ? 
_exptl_crystal.density_Matthews      2.33 
_exptl_crystal.density_percent_sol   47.12 
_exptl_crystal.description           ? 
_exptl_crystal.F_000                 ? 
_exptl_crystal.preparation           ? 
# 
_exptl_crystal_grow.crystal_id      1 
_exptl_crystal_grow.method          'VAPOR DIFFUSION, HANGING DROP' 
_exptl_crystal_grow.temp            291 
_exptl_crystal_grow.temp_details    ? 
_exptl_crystal_grow.pH              7.0 
_exptl_crystal_grow.pdbx_details    
;Droplets containing 0.5 mM oligonucleotide, 5% MPD, 20 mM sodium cacodylate, pH 7.0, 6 mM spermine-4HCl, 40 mM sodium chloride and 10 mM magnesium chloride were equilibrated against a reservoir of 35% MPD., VAPOR DIFFUSION, HANGING DROP, temperature 291K
;
_exptl_crystal_grow.pdbx_pH_range   . 
# 
loop_
_exptl_crystal_grow_comp.crystal_id 
_exptl_crystal_grow_comp.id 
_exptl_crystal_grow_comp.sol_id 
_exptl_crystal_grow_comp.name 
_exptl_crystal_grow_comp.volume 
_exptl_crystal_grow_comp.conc 
_exptl_crystal_grow_comp.details 
1 1 1 '5% MPD'             ? ? ? 
1 2 1 'sodium cacodylate'  ? ? ? 
1 3 1 spermine-4HCl        ? ? ? 
1 4 1 'sodium chloride'    ? ? ? 
1 5 1 'magnesium chloride' ? ? ? 
1 6 2 '35% MPD'            ? ? ? 
# 
_diffrn.id                     1 
_diffrn.ambient_temp           120 
_diffrn.ambient_temp_details   ? 
_diffrn.crystal_id             1 
# 
_diffrn_detector.diffrn_id              1 
_diffrn_detector.detector               CCD 
_diffrn_detector.type                   'MARMOSAIC 225 mm CCD' 
_diffrn_detector.pdbx_collection_date   2004-03-26 
_diffrn_detector.details                ? 
# 
_diffrn_radiation.diffrn_id                        1 
_diffrn_radiation.wavelength_id                    1 
_diffrn_radiation.pdbx_monochromatic_or_laue_m_l   M 
_diffrn_radiation.monochromator                    ? 
_diffrn_radiation.pdbx_diffrn_protocol             'SINGLE WAVELENGTH' 
_diffrn_radiation.pdbx_scattering_type             x-ray 
# 
_diffrn_radiation_wavelength.id           1 
_diffrn_radiation_wavelength.wavelength   0.9790 
_diffrn_radiation_wavelength.wt           1.0 
# 
_diffrn_source.diffrn_id                   1 
_diffrn_source.source                      SYNCHROTRON 
_diffrn_source.type                        'APS BEAMLINE 5ID-B' 
_diffrn_source.pdbx_synchrotron_site       APS 
_diffrn_source.pdbx_synchrotron_beamline   5ID-B 
_diffrn_source.pdbx_wavelength             ? 
_diffrn_source.pdbx_wavelength_list        0.9790 
# 
_reflns.entry_id                     2Q1R 
_reflns.observed_criterion_sigma_F   0 
_reflns.observed_criterion_sigma_I   0 
_reflns.d_resolution_high            1.12 
_reflns.d_resolution_low             24.84 
_reflns.number_all                   13446 
_reflns.number_obs                   13280 
_reflns.percent_possible_obs         96.4 
_reflns.pdbx_Rmerge_I_obs            0.035 
_reflns.pdbx_Rsym_value              ? 
_reflns.pdbx_netI_over_sigmaI        ? 
_reflns.B_iso_Wilson_estimate        ? 
_reflns.pdbx_redundancy              ? 
_reflns.R_free_details               ? 
_reflns.pdbx_chi_squared             ? 
_reflns.pdbx_scaling_rejects         ? 
_reflns.pdbx_diffrn_id               1 
_reflns.pdbx_ordinal                 1 
# 
_reflns_shell.d_res_high             1.12 
_reflns_shell.d_res_low              1.16 
_reflns_shell.percent_possible_all   89.3 
_reflns_shell.Rmerge_I_obs           0.277 
_reflns_shell.pdbx_Rsym_value        ? 
_reflns_shell.meanI_over_sigI_obs    ? 
_reflns_shell.pdbx_redundancy        ? 
_reflns_shell.percent_possible_obs   ? 
_reflns_shell.number_unique_all      1330 
_reflns_shell.number_measured_all    ? 
_reflns_shell.number_measured_obs    ? 
_reflns_shell.number_unique_obs      ? 
_reflns_shell.pdbx_chi_squared       ? 
_reflns_shell.pdbx_diffrn_id         ? 
_reflns_shell.pdbx_ordinal           1 
# 
_refine.entry_id                                 2Q1R 
_refine.ls_d_res_high                            1.12 
_refine.ls_d_res_low                             10 
_refine.pdbx_ls_sigma_F                          4 
_refine.pdbx_ls_sigma_I                          ? 
_refine.ls_number_reflns_all                     13514 
_refine.ls_number_reflns_obs                     12597 
_refine.ls_number_reflns_R_free                  630 
_refine.ls_percent_reflns_obs                    93.2 
_refine.ls_R_factor_all                          0.149 
_refine.ls_R_factor_obs                          0.144 
_refine.ls_R_factor_R_work                       0.142 
_refine.ls_R_factor_R_free                       0.182 
_refine.ls_redundancy_reflns_obs                 ? 
_refine.pdbx_data_cutoff_high_absF               ? 
_refine.pdbx_data_cutoff_low_absF                ? 
_refine.ls_number_parameters                     ? 
_refine.ls_number_restraints                     ? 
_refine.ls_percent_reflns_R_free                 ? 
_refine.ls_R_factor_R_free_error                 ? 
_refine.ls_R_factor_R_free_error_details         ? 
_refine.pdbx_method_to_determine_struct          'MOLECULAR REPLACEMENT' 
_refine.pdbx_starting_model                      'A native A-RNA' 
_refine.pdbx_ls_cross_valid_method               THROUGHOUT 
_refine.pdbx_R_Free_selection_details            random 
_refine.pdbx_stereochem_target_val_spec_case     ? 
_refine.pdbx_stereochemistry_target_values       'Engh & Huber' 
_refine.solvent_model_details                    ? 
_refine.solvent_model_param_bsol                 ? 
_refine.solvent_model_param_ksol                 ? 
_refine.occupancy_max                            ? 
_refine.occupancy_min                            ? 
_refine.pdbx_isotropic_thermal_model             ? 
_refine.B_iso_mean                               ? 
_refine.aniso_B[1][1]                            ? 
_refine.aniso_B[1][2]                            ? 
_refine.aniso_B[1][3]                            ? 
_refine.aniso_B[2][2]                            ? 
_refine.aniso_B[2][3]                            ? 
_refine.aniso_B[3][3]                            ? 
_refine.details                                  ? 
_refine.correlation_coeff_Fo_to_Fc               ? 
_refine.correlation_coeff_Fo_to_Fc_free          ? 
_refine.pdbx_solvent_vdw_probe_radii             ? 
_refine.pdbx_solvent_ion_probe_radii             ? 
_refine.pdbx_solvent_shrinkage_radii             ? 
_refine.overall_SU_R_Cruickshank_DPI             ? 
_refine.overall_SU_R_free                        ? 
_refine.overall_SU_ML                            ? 
_refine.overall_SU_B                             ? 
_refine.pdbx_overall_ESU_R_Free                  ? 
_refine.pdbx_data_cutoff_high_rms_absF           ? 
_refine.ls_wR_factor_R_free                      ? 
_refine.ls_wR_factor_R_work                      ? 
_refine.overall_FOM_free_R_set                   ? 
_refine.overall_FOM_work_R_set                   ? 
_refine.pdbx_refine_id                           'X-RAY DIFFRACTION' 
_refine.pdbx_overall_ESU_R                       ? 
_refine.pdbx_overall_phase_error                 ? 
_refine.pdbx_diffrn_id                           1 
_refine.pdbx_TLS_residual_ADP_flag               ? 
_refine.pdbx_overall_SU_R_free_Cruickshank_DPI   ? 
_refine.pdbx_overall_SU_R_Blow_DPI               ? 
_refine.pdbx_overall_SU_R_free_Blow_DPI          ? 
# 
_refine_hist.pdbx_refine_id                   'X-RAY DIFFRACTION' 
_refine_hist.cycle_id                         LAST 
_refine_hist.pdbx_number_atoms_protein        0 
_refine_hist.pdbx_number_atoms_nucleic_acid   255 
_refine_hist.pdbx_number_atoms_ligand         2 
_refine_hist.number_atoms_solvent             75 
_refine_hist.number_atoms_total               332 
_refine_hist.d_res_high                       1.12 
_refine_hist.d_res_low                        10 
# 
loop_
_refine_ls_restr.type 
_refine_ls_restr.dev_ideal 
_refine_ls_restr.dev_ideal_target 
_refine_ls_restr.weight 
_refine_ls_restr.number 
_refine_ls_restr.pdbx_refine_id 
_refine_ls_restr.pdbx_restraint_function 
s_angle_d 0.031 ? ? ? 'X-RAY DIFFRACTION' ? 
s_bond_d  0.014 ? ? ? 'X-RAY DIFFRACTION' ? 
# 
_struct.entry_id                  2Q1R 
_struct.title                     'Crystal Structure Analysis of the RNA Dodecamer CGCGAAUUAGCG, with a G-A mismatch.' 
_struct.pdbx_model_details        ? 
_struct.pdbx_CASP_flag            ? 
_struct.pdbx_model_type_details   ? 
# 
_struct_keywords.entry_id        2Q1R 
_struct_keywords.pdbx_keywords   RNA 
_struct_keywords.text            'G-A mismatch, RNA, RNAi' 
# 
loop_
_struct_asym.id 
_struct_asym.pdbx_blank_PDB_chainid_flag 
_struct_asym.pdbx_modified 
_struct_asym.entity_id 
_struct_asym.details 
A N N 1 ? 
B N N 2 ? 
C N N 2 ? 
D N N 3 ? 
# 
_struct_ref.id                         1 
_struct_ref.db_name                    PDB 
_struct_ref.db_code                    2Q1R 
_struct_ref.entity_id                  1 
_struct_ref.pdbx_seq_one_letter_code   CGCGAAUUAGCG 
_struct_ref.pdbx_align_begin           1 
_struct_ref.pdbx_db_accession          2Q1R 
_struct_ref.pdbx_db_isoform            ? 
# 
_struct_ref_seq.align_id                      1 
_struct_ref_seq.ref_id                        1 
_struct_ref_seq.pdbx_PDB_id_code              2Q1R 
_struct_ref_seq.pdbx_strand_id                A 
_struct_ref_seq.seq_align_beg                 1 
_struct_ref_seq.pdbx_seq_align_beg_ins_code   ? 
_struct_ref_seq.seq_align_end                 12 
_struct_ref_seq.pdbx_seq_align_end_ins_code   ? 
_struct_ref_seq.pdbx_db_accession             2Q1R 
_struct_ref_seq.db_align_beg                  1001 
_struct_ref_seq.pdbx_db_align_beg_ins_code    ? 
_struct_ref_seq.db_align_end                  1012 
_struct_ref_seq.pdbx_db_align_end_ins_code    ? 
_struct_ref_seq.pdbx_auth_seq_align_beg       1001 
_struct_ref_seq.pdbx_auth_seq_align_end       1012 
# 
_pdbx_struct_assembly.id                   1 
_pdbx_struct_assembly.details              author_defined_assembly 
_pdbx_struct_assembly.method_details       ? 
_pdbx_struct_assembly.oligomeric_details   dimeric 
_pdbx_struct_assembly.oligomeric_count     2 
# 
_pdbx_struct_assembly_gen.assembly_id       1 
_pdbx_struct_assembly_gen.oper_expression   1,2 
_pdbx_struct_assembly_gen.asym_id_list      A,B,C,D 
# 
loop_
_pdbx_struct_oper_list.id 
_pdbx_struct_oper_list.type 
_pdbx_struct_oper_list.name 
_pdbx_struct_oper_list.symmetry_operation 
_pdbx_struct_oper_list.matrix[1][1] 
_pdbx_struct_oper_list.matrix[1][2] 
_pdbx_struct_oper_list.matrix[1][3] 
_pdbx_struct_oper_list.vector[1] 
_pdbx_struct_oper_list.matrix[2][1] 
_pdbx_struct_oper_list.matrix[2][2] 
_pdbx_struct_oper_list.matrix[2][3] 
_pdbx_struct_oper_list.vector[2] 
_pdbx_struct_oper_list.matrix[3][1] 
_pdbx_struct_oper_list.matrix[3][2] 
_pdbx_struct_oper_list.matrix[3][3] 
_pdbx_struct_oper_list.vector[3] 
1 'identity operation'         1_555 x,y,z     1.0000000000  0.0000000000 0.0000000000  0.0000000000  0.0000000000 1.0000000000 0.0000000000  0.0000000000 0.0000000000  0.0000000000  1.0000000000  0.0000000000 
2 'crystal symmetry operation' 2_755 -x+2,y,-z -0.7818416144 0.5404889279 -0.3107980194 -0.5054897505 0.5404889279 0.3390651033 -0.7700042692 2.2034772926 -0.3107980194 -0.7700042692 -0.5572234889 3.4771079102 
# 
_struct_biol.id        1 
_struct_biol.details   
'The biological assembly is a duplex and correspnds to the crystallographic asymmetric unit, hence no symmetry operators are needed' 
# 
loop_
_struct_conn.id 
_struct_conn.conn_type_id 
_struct_conn.pdbx_leaving_atom_flag 
_struct_conn.pdbx_PDB_id 
_struct_conn.ptnr1_label_asym_id 
_struct_conn.ptnr1_label_comp_id 
_struct_conn.ptnr1_label_seq_id 
_struct_conn.ptnr1_label_atom_id 
_struct_conn.pdbx_ptnr1_label_alt_id 
_struct_conn.pdbx_ptnr1_PDB_ins_code 
_struct_conn.pdbx_ptnr1_standard_comp_id 
_struct_conn.ptnr1_symmetry 
_struct_conn.ptnr2_label_asym_id 
_struct_conn.ptnr2_label_comp_id 
_struct_conn.ptnr2_label_seq_id 
_struct_conn.ptnr2_label_atom_id 
_struct_conn.pdbx_ptnr2_label_alt_id 
_struct_conn.pdbx_ptnr2_PDB_ins_code 
_struct_conn.ptnr1_auth_asym_id 
_struct_conn.ptnr1_auth_comp_id 
_struct_conn.ptnr1_auth_seq_id 
_struct_conn.ptnr2_auth_asym_id 
_struct_conn.ptnr2_auth_comp_id 
_struct_conn.ptnr2_auth_seq_id 
_struct_conn.ptnr2_symmetry 
_struct_conn.pdbx_ptnr3_label_atom_id 
_struct_conn.pdbx_ptnr3_label_seq_id 
_struct_conn.pdbx_ptnr3_label_comp_id 
_struct_conn.pdbx_ptnr3_label_asym_id 
_struct_conn.pdbx_ptnr3_label_alt_id 
_struct_conn.pdbx_ptnr3_PDB_ins_code 
_struct_conn.details 
_struct_conn.pdbx_dist_value 
_struct_conn.pdbx_value_order 
_struct_conn.pdbx_role 
metalc1  metalc ? ? B MG .  MG ? ? ? 1_555 D HOH .  O  ? ? A MG 8001 A HOH 9005 1_555 ? ? ? ? ? ? ?            2.077 ? ? 
metalc2  metalc ? ? B MG .  MG ? ? ? 1_555 D HOH .  O  ? ? A MG 8001 A HOH 9023 1_555 ? ? ? ? ? ? ?            1.827 ? ? 
metalc3  metalc ? ? B MG .  MG ? ? ? 1_555 D HOH .  O  ? ? A MG 8001 A HOH 9024 1_555 ? ? ? ? ? ? ?            1.982 ? ? 
metalc4  metalc ? ? B MG .  MG ? ? ? 1_555 D HOH .  O  ? ? A MG 8001 A HOH 9045 1_555 ? ? ? ? ? ? ?            1.852 ? ? 
metalc5  metalc ? ? B MG .  MG ? ? ? 1_555 D HOH .  O  ? ? A MG 8001 A HOH 9046 1_555 ? ? ? ? ? ? ?            2.084 ? ? 
metalc6  metalc ? ? B MG .  MG ? ? ? 1_555 D HOH .  O  ? ? A MG 8001 A HOH 9047 1_555 ? ? ? ? ? ? ?            2.000 ? ? 
metalc7  metalc ? ? C MG .  MG ? ? ? 1_555 D HOH .  O  ? ? A MG 8002 A HOH 9001 1_555 ? ? ? ? ? ? ?            2.117 ? ? 
metalc8  metalc ? ? C MG .  MG ? ? ? 1_555 D HOH .  O  ? ? A MG 8002 A HOH 9002 1_555 ? ? ? ? ? ? ?            1.966 ? ? 
metalc9  metalc ? ? C MG .  MG ? ? ? 1_555 D HOH .  O  ? ? A MG 8002 A HOH 9009 1_555 ? ? ? ? ? ? ?            2.190 ? ? 
metalc10 metalc ? ? C MG .  MG ? ? ? 1_555 D HOH .  O  ? ? A MG 8002 A HOH 9019 1_555 ? ? ? ? ? ? ?            2.011 ? ? 
metalc11 metalc ? ? C MG .  MG ? ? ? 1_555 D HOH .  O  ? ? A MG 8002 A HOH 9021 1_555 ? ? ? ? ? ? ?            2.029 ? ? 
metalc12 metalc ? ? C MG .  MG ? ? ? 1_555 D HOH .  O  ? ? A MG 8002 A HOH 9032 1_555 ? ? ? ? ? ? ?            2.162 ? ? 
hydrog1  hydrog ? ? A C  1  N3 ? ? ? 1_555 A G   12 N1 ? ? A C  1001 A G   1012 2_755 ? ? ? ? ? ? WATSON-CRICK ?     ? ? 
hydrog2  hydrog ? ? A C  1  N4 ? ? ? 1_555 A G   12 O6 ? ? A C  1001 A G   1012 2_755 ? ? ? ? ? ? WATSON-CRICK ?     ? ? 
hydrog3  hydrog ? ? A C  1  O2 ? ? ? 1_555 A G   12 N2 ? ? A C  1001 A G   1012 2_755 ? ? ? ? ? ? WATSON-CRICK ?     ? ? 
hydrog4  hydrog ? ? A G  2  N1 ? ? ? 1_555 A C   11 N3 ? ? A G  1002 A C   1011 2_755 ? ? ? ? ? ? WATSON-CRICK ?     ? ? 
hydrog5  hydrog ? ? A G  2  N2 ? ? ? 1_555 A C   11 O2 ? ? A G  1002 A C   1011 2_755 ? ? ? ? ? ? WATSON-CRICK ?     ? ? 
hydrog6  hydrog ? ? A G  2  O6 ? ? ? 1_555 A C   11 N4 ? ? A G  1002 A C   1011 2_755 ? ? ? ? ? ? WATSON-CRICK ?     ? ? 
hydrog7  hydrog ? ? A C  3  N3 ? ? ? 1_555 A G   10 N1 ? ? A C  1003 A G   1010 2_755 ? ? ? ? ? ? WATSON-CRICK ?     ? ? 
hydrog8  hydrog ? ? A C  3  N4 ? ? ? 1_555 A G   10 O6 ? ? A C  1003 A G   1010 2_755 ? ? ? ? ? ? WATSON-CRICK ?     ? ? 
hydrog9  hydrog ? ? A C  3  O2 ? ? ? 1_555 A G   10 N2 ? ? A C  1003 A G   1010 2_755 ? ? ? ? ? ? WATSON-CRICK ?     ? ? 
hydrog10 hydrog ? ? A G  4  N1 ? ? ? 1_555 A A   9  N1 ? ? A G  1004 A A   1009 2_755 ? ? ? ? ? ? TYPE_8_PAIR  ?     ? ? 
hydrog11 hydrog ? ? A G  4  O6 ? ? ? 1_555 A A   9  N6 ? ? A G  1004 A A   1009 2_755 ? ? ? ? ? ? TYPE_8_PAIR  ?     ? ? 
hydrog12 hydrog ? ? A A  5  N1 ? ? ? 1_555 A U   8  N3 ? ? A A  1005 A U   1008 2_755 ? ? ? ? ? ? WATSON-CRICK ?     ? ? 
hydrog13 hydrog ? ? A A  5  N6 ? ? ? 1_555 A U   8  O4 ? ? A A  1005 A U   1008 2_755 ? ? ? ? ? ? WATSON-CRICK ?     ? ? 
hydrog14 hydrog ? ? A A  6  N1 ? ? ? 1_555 A U   7  N3 ? ? A A  1006 A U   1007 2_755 ? ? ? ? ? ? WATSON-CRICK ?     ? ? 
hydrog15 hydrog ? ? A A  6  N6 ? ? ? 1_555 A U   7  O4 ? ? A A  1006 A U   1007 2_755 ? ? ? ? ? ? WATSON-CRICK ?     ? ? 
hydrog16 hydrog ? ? A U  7  N3 ? ? ? 1_555 A A   6  N1 ? ? A U  1007 A A   1006 2_755 ? ? ? ? ? ? WATSON-CRICK ?     ? ? 
hydrog17 hydrog ? ? A U  7  O4 ? ? ? 1_555 A A   6  N6 ? ? A U  1007 A A   1006 2_755 ? ? ? ? ? ? WATSON-CRICK ?     ? ? 
hydrog18 hydrog ? ? A U  8  N3 ? ? ? 1_555 A A   5  N1 ? ? A U  1008 A A   1005 2_755 ? ? ? ? ? ? WATSON-CRICK ?     ? ? 
hydrog19 hydrog ? ? A U  8  O4 ? ? ? 1_555 A A   5  N6 ? ? A U  1008 A A   1005 2_755 ? ? ? ? ? ? WATSON-CRICK ?     ? ? 
hydrog20 hydrog ? ? A A  9  N1 ? ? ? 1_555 A G   4  N1 ? ? A A  1009 A G   1004 2_755 ? ? ? ? ? ? TYPE_8_PAIR  ?     ? ? 
hydrog21 hydrog ? ? A A  9  N6 ? ? ? 1_555 A G   4  O6 ? ? A A  1009 A G   1004 2_755 ? ? ? ? ? ? TYPE_8_PAIR  ?     ? ? 
hydrog22 hydrog ? ? A G  10 N1 ? ? ? 1_555 A C   3  N3 ? ? A G  1010 A C   1003 2_755 ? ? ? ? ? ? WATSON-CRICK ?     ? ? 
hydrog23 hydrog ? ? A G  10 N2 ? ? ? 1_555 A C   3  O2 ? ? A G  1010 A C   1003 2_755 ? ? ? ? ? ? WATSON-CRICK ?     ? ? 
hydrog24 hydrog ? ? A G  10 O6 ? ? ? 1_555 A C   3  N4 ? ? A G  1010 A C   1003 2_755 ? ? ? ? ? ? WATSON-CRICK ?     ? ? 
hydrog25 hydrog ? ? A C  11 N3 ? ? ? 1_555 A G   2  N1 ? ? A C  1011 A G   1002 2_755 ? ? ? ? ? ? WATSON-CRICK ?     ? ? 
hydrog26 hydrog ? ? A C  11 N4 ? ? ? 1_555 A G   2  O6 ? ? A C  1011 A G   1002 2_755 ? ? ? ? ? ? WATSON-CRICK ?     ? ? 
hydrog27 hydrog ? ? A C  11 O2 ? ? ? 1_555 A G   2  N2 ? ? A C  1011 A G   1002 2_755 ? ? ? ? ? ? WATSON-CRICK ?     ? ? 
hydrog28 hydrog ? ? A G  12 N1 ? ? ? 1_555 A C   1  N3 ? ? A G  1012 A C   1001 2_755 ? ? ? ? ? ? WATSON-CRICK ?     ? ? 
hydrog29 hydrog ? ? A G  12 N2 ? ? ? 1_555 A C   1  O2 ? ? A G  1012 A C   1001 2_755 ? ? ? ? ? ? WATSON-CRICK ?     ? ? 
hydrog30 hydrog ? ? A G  12 O6 ? ? ? 1_555 A C   1  N4 ? ? A G  1012 A C   1001 2_755 ? ? ? ? ? ? WATSON-CRICK ?     ? ? 
# 
loop_
_struct_conn_type.id 
_struct_conn_type.criteria 
_struct_conn_type.reference 
metalc ? ? 
hydrog ? ? 
# 
loop_
_pdbx_struct_conn_angle.id 
_pdbx_struct_conn_angle.ptnr1_label_atom_id 
_pdbx_struct_conn_angle.ptnr1_label_alt_id 
_pdbx_struct_conn_angle.ptnr1_label_asym_id 
_pdbx_struct_conn_angle.ptnr1_label_comp_id 
_pdbx_struct_conn_angle.ptnr1_label_seq_id 
_pdbx_struct_conn_angle.ptnr1_auth_atom_id 
_pdbx_struct_conn_angle.ptnr1_auth_asym_id 
_pdbx_struct_conn_angle.ptnr1_auth_comp_id 
_pdbx_struct_conn_angle.ptnr1_auth_seq_id 
_pdbx_struct_conn_angle.ptnr1_PDB_ins_code 
_pdbx_struct_conn_angle.ptnr1_symmetry 
_pdbx_struct_conn_angle.ptnr2_label_atom_id 
_pdbx_struct_conn_angle.ptnr2_label_alt_id 
_pdbx_struct_conn_angle.ptnr2_label_asym_id 
_pdbx_struct_conn_angle.ptnr2_label_comp_id 
_pdbx_struct_conn_angle.ptnr2_label_seq_id 
_pdbx_struct_conn_angle.ptnr2_auth_atom_id 
_pdbx_struct_conn_angle.ptnr2_auth_asym_id 
_pdbx_struct_conn_angle.ptnr2_auth_comp_id 
_pdbx_struct_conn_angle.ptnr2_auth_seq_id 
_pdbx_struct_conn_angle.ptnr2_PDB_ins_code 
_pdbx_struct_conn_angle.ptnr2_symmetry 
_pdbx_struct_conn_angle.ptnr3_label_atom_id 
_pdbx_struct_conn_angle.ptnr3_label_alt_id 
_pdbx_struct_conn_angle.ptnr3_label_asym_id 
_pdbx_struct_conn_angle.ptnr3_label_comp_id 
_pdbx_struct_conn_angle.ptnr3_label_seq_id 
_pdbx_struct_conn_angle.ptnr3_auth_atom_id 
_pdbx_struct_conn_angle.ptnr3_auth_asym_id 
_pdbx_struct_conn_angle.ptnr3_auth_comp_id 
_pdbx_struct_conn_angle.ptnr3_auth_seq_id 
_pdbx_struct_conn_angle.ptnr3_PDB_ins_code 
_pdbx_struct_conn_angle.ptnr3_symmetry 
_pdbx_struct_conn_angle.value 
_pdbx_struct_conn_angle.value_esd 
1  O ? D HOH . ? A HOH 9005 ? 1_555 MG ? B MG . ? A MG 8001 ? 1_555 O ? D HOH . ? A HOH 9023 ? 1_555 92.9  ? 
2  O ? D HOH . ? A HOH 9005 ? 1_555 MG ? B MG . ? A MG 8001 ? 1_555 O ? D HOH . ? A HOH 9024 ? 1_555 92.3  ? 
3  O ? D HOH . ? A HOH 9023 ? 1_555 MG ? B MG . ? A MG 8001 ? 1_555 O ? D HOH . ? A HOH 9024 ? 1_555 80.5  ? 
4  O ? D HOH . ? A HOH 9005 ? 1_555 MG ? B MG . ? A MG 8001 ? 1_555 O ? D HOH . ? A HOH 9045 ? 1_555 94.1  ? 
5  O ? D HOH . ? A HOH 9023 ? 1_555 MG ? B MG . ? A MG 8001 ? 1_555 O ? D HOH . ? A HOH 9045 ? 1_555 159.1 ? 
6  O ? D HOH . ? A HOH 9024 ? 1_555 MG ? B MG . ? A MG 8001 ? 1_555 O ? D HOH . ? A HOH 9045 ? 1_555 79.6  ? 
7  O ? D HOH . ? A HOH 9005 ? 1_555 MG ? B MG . ? A MG 8001 ? 1_555 O ? D HOH . ? A HOH 9046 ? 1_555 179.5 ? 
8  O ? D HOH . ? A HOH 9023 ? 1_555 MG ? B MG . ? A MG 8001 ? 1_555 O ? D HOH . ? A HOH 9046 ? 1_555 87.0  ? 
9  O ? D HOH . ? A HOH 9024 ? 1_555 MG ? B MG . ? A MG 8001 ? 1_555 O ? D HOH . ? A HOH 9046 ? 1_555 88.2  ? 
10 O ? D HOH . ? A HOH 9045 ? 1_555 MG ? B MG . ? A MG 8001 ? 1_555 O ? D HOH . ? A HOH 9046 ? 1_555 86.1  ? 
11 O ? D HOH . ? A HOH 9005 ? 1_555 MG ? B MG . ? A MG 8001 ? 1_555 O ? D HOH . ? A HOH 9047 ? 1_555 87.0  ? 
12 O ? D HOH . ? A HOH 9023 ? 1_555 MG ? B MG . ? A MG 8001 ? 1_555 O ? D HOH . ? A HOH 9047 ? 1_555 105.7 ? 
13 O ? D HOH . ? A HOH 9024 ? 1_555 MG ? B MG . ? A MG 8001 ? 1_555 O ? D HOH . ? A HOH 9047 ? 1_555 173.8 ? 
14 O ? D HOH . ? A HOH 9045 ? 1_555 MG ? B MG . ? A MG 8001 ? 1_555 O ? D HOH . ? A HOH 9047 ? 1_555 94.3  ? 
15 O ? D HOH . ? A HOH 9046 ? 1_555 MG ? B MG . ? A MG 8001 ? 1_555 O ? D HOH . ? A HOH 9047 ? 1_555 92.5  ? 
16 O ? D HOH . ? A HOH 9001 ? 1_555 MG ? C MG . ? A MG 8002 ? 1_555 O ? D HOH . ? A HOH 9002 ? 1_555 89.1  ? 
17 O ? D HOH . ? A HOH 9001 ? 1_555 MG ? C MG . ? A MG 8002 ? 1_555 O ? D HOH . ? A HOH 9009 ? 1_555 176.4 ? 
18 O ? D HOH . ? A HOH 9002 ? 1_555 MG ? C MG . ? A MG 8002 ? 1_555 O ? D HOH . ? A HOH 9009 ? 1_555 87.5  ? 
19 O ? D HOH . ? A HOH 9001 ? 1_555 MG ? C MG . ? A MG 8002 ? 1_555 O ? D HOH . ? A HOH 9019 ? 1_555 95.6  ? 
20 O ? D HOH . ? A HOH 9002 ? 1_555 MG ? C MG . ? A MG 8002 ? 1_555 O ? D HOH . ? A HOH 9019 ? 1_555 95.3  ? 
21 O ? D HOH . ? A HOH 9009 ? 1_555 MG ? C MG . ? A MG 8002 ? 1_555 O ? D HOH . ? A HOH 9019 ? 1_555 83.4  ? 
22 O ? D HOH . ? A HOH 9001 ? 1_555 MG ? C MG . ? A MG 8002 ? 1_555 O ? D HOH . ? A HOH 9021 ? 1_555 93.8  ? 
23 O ? D HOH . ? A HOH 9002 ? 1_555 MG ? C MG . ? A MG 8002 ? 1_555 O ? D HOH . ? A HOH 9021 ? 1_555 91.8  ? 
24 O ? D HOH . ? A HOH 9009 ? 1_555 MG ? C MG . ? A MG 8002 ? 1_555 O ? D HOH . ? A HOH 9021 ? 1_555 87.7  ? 
25 O ? D HOH . ? A HOH 9019 ? 1_555 MG ? C MG . ? A MG 8002 ? 1_555 O ? D HOH . ? A HOH 9021 ? 1_555 168.3 ? 
26 O ? D HOH . ? A HOH 9001 ? 1_555 MG ? C MG . ? A MG 8002 ? 1_555 O ? D HOH . ? A HOH 9032 ? 1_555 93.2  ? 
27 O ? D HOH . ? A HOH 9002 ? 1_555 MG ? C MG . ? A MG 8002 ? 1_555 O ? D HOH . ? A HOH 9032 ? 1_555 171.8 ? 
28 O ? D HOH . ? A HOH 9009 ? 1_555 MG ? C MG . ? A MG 8002 ? 1_555 O ? D HOH . ? A HOH 9032 ? 1_555 90.3  ? 
29 O ? D HOH . ? A HOH 9019 ? 1_555 MG ? C MG . ? A MG 8002 ? 1_555 O ? D HOH . ? A HOH 9032 ? 1_555 92.3  ? 
30 O ? D HOH . ? A HOH 9021 ? 1_555 MG ? C MG . ? A MG 8002 ? 1_555 O ? D HOH . ? A HOH 9032 ? 1_555 80.2  ? 
# 
loop_
_struct_site.id 
_struct_site.pdbx_evidence_code 
_struct_site.pdbx_auth_asym_id 
_struct_site.pdbx_auth_comp_id 
_struct_site.pdbx_auth_seq_id 
_struct_site.pdbx_auth_ins_code 
_struct_site.pdbx_num_residues 
_struct_site.details 
AC1 Software A MG 8001 ? 6 'BINDING SITE FOR RESIDUE MG A 8001' 
AC2 Software A MG 8002 ? 6 'BINDING SITE FOR RESIDUE MG A 8002' 
# 
loop_
_struct_site_gen.id 
_struct_site_gen.site_id 
_struct_site_gen.pdbx_num_res 
_struct_site_gen.label_comp_id 
_struct_site_gen.label_asym_id 
_struct_site_gen.label_seq_id 
_struct_site_gen.pdbx_auth_ins_code 
_struct_site_gen.auth_comp_id 
_struct_site_gen.auth_asym_id 
_struct_site_gen.auth_seq_id 
_struct_site_gen.label_atom_id 
_struct_site_gen.label_alt_id 
_struct_site_gen.symmetry 
_struct_site_gen.details 
1  AC1 6 HOH D . ? HOH A 9005 . ? 1_555 ? 
2  AC1 6 HOH D . ? HOH A 9023 . ? 1_555 ? 
3  AC1 6 HOH D . ? HOH A 9024 . ? 1_555 ? 
4  AC1 6 HOH D . ? HOH A 9045 . ? 1_555 ? 
5  AC1 6 HOH D . ? HOH A 9046 . ? 1_555 ? 
6  AC1 6 HOH D . ? HOH A 9047 . ? 1_555 ? 
7  AC2 6 HOH D . ? HOH A 9001 . ? 1_555 ? 
8  AC2 6 HOH D . ? HOH A 9002 . ? 1_555 ? 
9  AC2 6 HOH D . ? HOH A 9009 . ? 1_555 ? 
10 AC2 6 HOH D . ? HOH A 9019 . ? 1_555 ? 
11 AC2 6 HOH D . ? HOH A 9021 . ? 1_555 ? 
12 AC2 6 HOH D . ? HOH A 9032 . ? 1_555 ? 
# 
_pdbx_validate_rmsd_bond.id                        1 
_pdbx_validate_rmsd_bond.PDB_model_num             1 
_pdbx_validate_rmsd_bond.auth_atom_id_1            "C2'" 
_pdbx_validate_rmsd_bond.auth_asym_id_1            A 
_pdbx_validate_rmsd_bond.auth_comp_id_1            G 
_pdbx_validate_rmsd_bond.auth_seq_id_1             1002 
_pdbx_validate_rmsd_bond.PDB_ins_code_1            ? 
_pdbx_validate_rmsd_bond.label_alt_id_1            ? 
_pdbx_validate_rmsd_bond.auth_atom_id_2            "C1'" 
_pdbx_validate_rmsd_bond.auth_asym_id_2            A 
_pdbx_validate_rmsd_bond.auth_comp_id_2            G 
_pdbx_validate_rmsd_bond.auth_seq_id_2             1002 
_pdbx_validate_rmsd_bond.PDB_ins_code_2            ? 
_pdbx_validate_rmsd_bond.label_alt_id_2            ? 
_pdbx_validate_rmsd_bond.bond_value                1.461 
_pdbx_validate_rmsd_bond.bond_target_value         1.526 
_pdbx_validate_rmsd_bond.bond_deviation            -0.065 
_pdbx_validate_rmsd_bond.bond_standard_deviation   0.008 
_pdbx_validate_rmsd_bond.linker_flag               N 
# 
loop_
_pdbx_validate_rmsd_angle.id 
_pdbx_validate_rmsd_angle.PDB_model_num 
_pdbx_validate_rmsd_angle.auth_atom_id_1 
_pdbx_validate_rmsd_angle.auth_asym_id_1 
_pdbx_validate_rmsd_angle.auth_comp_id_1 
_pdbx_validate_rmsd_angle.auth_seq_id_1 
_pdbx_validate_rmsd_angle.PDB_ins_code_1 
_pdbx_validate_rmsd_angle.label_alt_id_1 
_pdbx_validate_rmsd_angle.auth_atom_id_2 
_pdbx_validate_rmsd_angle.auth_asym_id_2 
_pdbx_validate_rmsd_angle.auth_comp_id_2 
_pdbx_validate_rmsd_angle.auth_seq_id_2 
_pdbx_validate_rmsd_angle.PDB_ins_code_2 
_pdbx_validate_rmsd_angle.label_alt_id_2 
_pdbx_validate_rmsd_angle.auth_atom_id_3 
_pdbx_validate_rmsd_angle.auth_asym_id_3 
_pdbx_validate_rmsd_angle.auth_comp_id_3 
_pdbx_validate_rmsd_angle.auth_seq_id_3 
_pdbx_validate_rmsd_angle.PDB_ins_code_3 
_pdbx_validate_rmsd_angle.label_alt_id_3 
_pdbx_validate_rmsd_angle.angle_value 
_pdbx_validate_rmsd_angle.angle_target_value 
_pdbx_validate_rmsd_angle.angle_deviation 
_pdbx_validate_rmsd_angle.angle_standard_deviation 
_pdbx_validate_rmsd_angle.linker_flag 
1 1 "C3'" A G 1002 ? ? "C2'" A G 1002 ? ? "C1'" A G 1002 ? ? 96.91  101.30 -4.39 0.70 N 
2 1 C2    A A 1005 ? ? N3    A A 1005 ? ? C4    A A 1005 ? ? 114.25 110.60 3.65  0.50 N 
# 
_pdbx_struct_special_symmetry.id              1 
_pdbx_struct_special_symmetry.PDB_model_num   1 
_pdbx_struct_special_symmetry.auth_asym_id    A 
_pdbx_struct_special_symmetry.auth_comp_id    HOH 
_pdbx_struct_special_symmetry.auth_seq_id     9033 
_pdbx_struct_special_symmetry.PDB_ins_code    ? 
_pdbx_struct_special_symmetry.label_asym_id   D 
_pdbx_struct_special_symmetry.label_comp_id   HOH 
_pdbx_struct_special_symmetry.label_seq_id    . 
# 
loop_
_chem_comp_atom.comp_id 
_chem_comp_atom.atom_id 
_chem_comp_atom.type_symbol 
_chem_comp_atom.pdbx_aromatic_flag 
_chem_comp_atom.pdbx_stereo_config 
_chem_comp_atom.pdbx_ordinal 
A   OP3    O  N N 1   
A   P      P  N N 2   
A   OP1    O  N N 3   
A   OP2    O  N N 4   
A   "O5'"  O  N N 5   
A   "C5'"  C  N N 6   
A   "C4'"  C  N R 7   
A   "O4'"  O  N N 8   
A   "C3'"  C  N S 9   
A   "O3'"  O  N N 10  
A   "C2'"  C  N R 11  
A   "O2'"  O  N N 12  
A   "C1'"  C  N R 13  
A   N9     N  Y N 14  
A   C8     C  Y N 15  
A   N7     N  Y N 16  
A   C5     C  Y N 17  
A   C6     C  Y N 18  
A   N6     N  N N 19  
A   N1     N  Y N 20  
A   C2     C  Y N 21  
A   N3     N  Y N 22  
A   C4     C  Y N 23  
A   HOP3   H  N N 24  
A   HOP2   H  N N 25  
A   "H5'"  H  N N 26  
A   "H5''" H  N N 27  
A   "H4'"  H  N N 28  
A   "H3'"  H  N N 29  
A   "HO3'" H  N N 30  
A   "H2'"  H  N N 31  
A   "HO2'" H  N N 32  
A   "H1'"  H  N N 33  
A   H8     H  N N 34  
A   H61    H  N N 35  
A   H62    H  N N 36  
A   H2     H  N N 37  
C   OP3    O  N N 38  
C   P      P  N N 39  
C   OP1    O  N N 40  
C   OP2    O  N N 41  
C   "O5'"  O  N N 42  
C   "C5'"  C  N N 43  
C   "C4'"  C  N R 44  
C   "O4'"  O  N N 45  
C   "C3'"  C  N S 46  
C   "O3'"  O  N N 47  
C   "C2'"  C  N R 48  
C   "O2'"  O  N N 49  
C   "C1'"  C  N R 50  
C   N1     N  N N 51  
C   C2     C  N N 52  
C   O2     O  N N 53  
C   N3     N  N N 54  
C   C4     C  N N 55  
C   N4     N  N N 56  
C   C5     C  N N 57  
C   C6     C  N N 58  
C   HOP3   H  N N 59  
C   HOP2   H  N N 60  
C   "H5'"  H  N N 61  
C   "H5''" H  N N 62  
C   "H4'"  H  N N 63  
C   "H3'"  H  N N 64  
C   "HO3'" H  N N 65  
C   "H2'"  H  N N 66  
C   "HO2'" H  N N 67  
C   "H1'"  H  N N 68  
C   H41    H  N N 69  
C   H42    H  N N 70  
C   H5     H  N N 71  
C   H6     H  N N 72  
G   OP3    O  N N 73  
G   P      P  N N 74  
G   OP1    O  N N 75  
G   OP2    O  N N 76  
G   "O5'"  O  N N 77  
G   "C5'"  C  N N 78  
G   "C4'"  C  N R 79  
G   "O4'"  O  N N 80  
G   "C3'"  C  N S 81  
G   "O3'"  O  N N 82  
G   "C2'"  C  N R 83  
G   "O2'"  O  N N 84  
G   "C1'"  C  N R 85  
G   N9     N  Y N 86  
G   C8     C  Y N 87  
G   N7     N  Y N 88  
G   C5     C  Y N 89  
G   C6     C  N N 90  
G   O6     O  N N 91  
G   N1     N  N N 92  
G   C2     C  N N 93  
G   N2     N  N N 94  
G   N3     N  N N 95  
G   C4     C  Y N 96  
G   HOP3   H  N N 97  
G   HOP2   H  N N 98  
G   "H5'"  H  N N 99  
G   "H5''" H  N N 100 
G   "H4'"  H  N N 101 
G   "H3'"  H  N N 102 
G   "HO3'" H  N N 103 
G   "H2'"  H  N N 104 
G   "HO2'" H  N N 105 
G   "H1'"  H  N N 106 
G   H8     H  N N 107 
G   H1     H  N N 108 
G   H21    H  N N 109 
G   H22    H  N N 110 
HOH O      O  N N 111 
HOH H1     H  N N 112 
HOH H2     H  N N 113 
MG  MG     MG N N 114 
U   OP3    O  N N 115 
U   P      P  N N 116 
U   OP1    O  N N 117 
U   OP2    O  N N 118 
U   "O5'"  O  N N 119 
U   "C5'"  C  N N 120 
U   "C4'"  C  N R 121 
U   "O4'"  O  N N 122 
U   "C3'"  C  N S 123 
U   "O3'"  O  N N 124 
U   "C2'"  C  N R 125 
U   "O2'"  O  N N 126 
U   "C1'"  C  N R 127 
U   N1     N  N N 128 
U   C2     C  N N 129 
U   O2     O  N N 130 
U   N3     N  N N 131 
U   C4     C  N N 132 
U   O4     O  N N 133 
U   C5     C  N N 134 
U   C6     C  N N 135 
U   HOP3   H  N N 136 
U   HOP2   H  N N 137 
U   "H5'"  H  N N 138 
U   "H5''" H  N N 139 
U   "H4'"  H  N N 140 
U   "H3'"  H  N N 141 
U   "HO3'" H  N N 142 
U   "H2'"  H  N N 143 
U   "HO2'" H  N N 144 
U   "H1'"  H  N N 145 
U   H3     H  N N 146 
U   H5     H  N N 147 
U   H6     H  N N 148 
# 
loop_
_chem_comp_bond.comp_id 
_chem_comp_bond.atom_id_1 
_chem_comp_bond.atom_id_2 
_chem_comp_bond.value_order 
_chem_comp_bond.pdbx_aromatic_flag 
_chem_comp_bond.pdbx_stereo_config 
_chem_comp_bond.pdbx_ordinal 
A   OP3   P      sing N N 1   
A   OP3   HOP3   sing N N 2   
A   P     OP1    doub N N 3   
A   P     OP2    sing N N 4   
A   P     "O5'"  sing N N 5   
A   OP2   HOP2   sing N N 6   
A   "O5'" "C5'"  sing N N 7   
A   "C5'" "C4'"  sing N N 8   
A   "C5'" "H5'"  sing N N 9   
A   "C5'" "H5''" sing N N 10  
A   "C4'" "O4'"  sing N N 11  
A   "C4'" "C3'"  sing N N 12  
A   "C4'" "H4'"  sing N N 13  
A   "O4'" "C1'"  sing N N 14  
A   "C3'" "O3'"  sing N N 15  
A   "C3'" "C2'"  sing N N 16  
A   "C3'" "H3'"  sing N N 17  
A   "O3'" "HO3'" sing N N 18  
A   "C2'" "O2'"  sing N N 19  
A   "C2'" "C1'"  sing N N 20  
A   "C2'" "H2'"  sing N N 21  
A   "O2'" "HO2'" sing N N 22  
A   "C1'" N9     sing N N 23  
A   "C1'" "H1'"  sing N N 24  
A   N9    C8     sing Y N 25  
A   N9    C4     sing Y N 26  
A   C8    N7     doub Y N 27  
A   C8    H8     sing N N 28  
A   N7    C5     sing Y N 29  
A   C5    C6     sing Y N 30  
A   C5    C4     doub Y N 31  
A   C6    N6     sing N N 32  
A   C6    N1     doub Y N 33  
A   N6    H61    sing N N 34  
A   N6    H62    sing N N 35  
A   N1    C2     sing Y N 36  
A   C2    N3     doub Y N 37  
A   C2    H2     sing N N 38  
A   N3    C4     sing Y N 39  
C   OP3   P      sing N N 40  
C   OP3   HOP3   sing N N 41  
C   P     OP1    doub N N 42  
C   P     OP2    sing N N 43  
C   P     "O5'"  sing N N 44  
C   OP2   HOP2   sing N N 45  
C   "O5'" "C5'"  sing N N 46  
C   "C5'" "C4'"  sing N N 47  
C   "C5'" "H5'"  sing N N 48  
C   "C5'" "H5''" sing N N 49  
C   "C4'" "O4'"  sing N N 50  
C   "C4'" "C3'"  sing N N 51  
C   "C4'" "H4'"  sing N N 52  
C   "O4'" "C1'"  sing N N 53  
C   "C3'" "O3'"  sing N N 54  
C   "C3'" "C2'"  sing N N 55  
C   "C3'" "H3'"  sing N N 56  
C   "O3'" "HO3'" sing N N 57  
C   "C2'" "O2'"  sing N N 58  
C   "C2'" "C1'"  sing N N 59  
C   "C2'" "H2'"  sing N N 60  
C   "O2'" "HO2'" sing N N 61  
C   "C1'" N1     sing N N 62  
C   "C1'" "H1'"  sing N N 63  
C   N1    C2     sing N N 64  
C   N1    C6     sing N N 65  
C   C2    O2     doub N N 66  
C   C2    N3     sing N N 67  
C   N3    C4     doub N N 68  
C   C4    N4     sing N N 69  
C   C4    C5     sing N N 70  
C   N4    H41    sing N N 71  
C   N4    H42    sing N N 72  
C   C5    C6     doub N N 73  
C   C5    H5     sing N N 74  
C   C6    H6     sing N N 75  
G   OP3   P      sing N N 76  
G   OP3   HOP3   sing N N 77  
G   P     OP1    doub N N 78  
G   P     OP2    sing N N 79  
G   P     "O5'"  sing N N 80  
G   OP2   HOP2   sing N N 81  
G   "O5'" "C5'"  sing N N 82  
G   "C5'" "C4'"  sing N N 83  
G   "C5'" "H5'"  sing N N 84  
G   "C5'" "H5''" sing N N 85  
G   "C4'" "O4'"  sing N N 86  
G   "C4'" "C3'"  sing N N 87  
G   "C4'" "H4'"  sing N N 88  
G   "O4'" "C1'"  sing N N 89  
G   "C3'" "O3'"  sing N N 90  
G   "C3'" "C2'"  sing N N 91  
G   "C3'" "H3'"  sing N N 92  
G   "O3'" "HO3'" sing N N 93  
G   "C2'" "O2'"  sing N N 94  
G   "C2'" "C1'"  sing N N 95  
G   "C2'" "H2'"  sing N N 96  
G   "O2'" "HO2'" sing N N 97  
G   "C1'" N9     sing N N 98  
G   "C1'" "H1'"  sing N N 99  
G   N9    C8     sing Y N 100 
G   N9    C4     sing Y N 101 
G   C8    N7     doub Y N 102 
G   C8    H8     sing N N 103 
G   N7    C5     sing Y N 104 
G   C5    C6     sing N N 105 
G   C5    C4     doub Y N 106 
G   C6    O6     doub N N 107 
G   C6    N1     sing N N 108 
G   N1    C2     sing N N 109 
G   N1    H1     sing N N 110 
G   C2    N2     sing N N 111 
G   C2    N3     doub N N 112 
G   N2    H21    sing N N 113 
G   N2    H22    sing N N 114 
G   N3    C4     sing N N 115 
HOH O     H1     sing N N 116 
HOH O     H2     sing N N 117 
U   OP3   P      sing N N 118 
U   OP3   HOP3   sing N N 119 
U   P     OP1    doub N N 120 
U   P     OP2    sing N N 121 
U   P     "O5'"  sing N N 122 
U   OP2   HOP2   sing N N 123 
U   "O5'" "C5'"  sing N N 124 
U   "C5'" "C4'"  sing N N 125 
U   "C5'" "H5'"  sing N N 126 
U   "C5'" "H5''" sing N N 127 
U   "C4'" "O4'"  sing N N 128 
U   "C4'" "C3'"  sing N N 129 
U   "C4'" "H4'"  sing N N 130 
U   "O4'" "C1'"  sing N N 131 
U   "C3'" "O3'"  sing N N 132 
U   "C3'" "C2'"  sing N N 133 
U   "C3'" "H3'"  sing N N 134 
U   "O3'" "HO3'" sing N N 135 
U   "C2'" "O2'"  sing N N 136 
U   "C2'" "C1'"  sing N N 137 
U   "C2'" "H2'"  sing N N 138 
U   "O2'" "HO2'" sing N N 139 
U   "C1'" N1     sing N N 140 
U   "C1'" "H1'"  sing N N 141 
U   N1    C2     sing N N 142 
U   N1    C6     sing N N 143 
U   C2    O2     doub N N 144 
U   C2    N3     sing N N 145 
U   N3    C4     sing N N 146 
U   N3    H3     sing N N 147 
U   C4    O4     doub N N 148 
U   C4    C5     sing N N 149 
U   C5    C6     doub N N 150 
U   C5    H5     sing N N 151 
U   C6    H6     sing N N 152 
# 
loop_
_ndb_struct_conf_na.entry_id 
_ndb_struct_conf_na.feature 
2Q1R 'double helix'         
2Q1R 'a-form double helix'  
2Q1R 'mismatched base pair' 
# 
loop_
_ndb_struct_na_base_pair.model_number 
_ndb_struct_na_base_pair.i_label_asym_id 
_ndb_struct_na_base_pair.i_label_comp_id 
_ndb_struct_na_base_pair.i_label_seq_id 
_ndb_struct_na_base_pair.i_symmetry 
_ndb_struct_na_base_pair.j_label_asym_id 
_ndb_struct_na_base_pair.j_label_comp_id 
_ndb_struct_na_base_pair.j_label_seq_id 
_ndb_struct_na_base_pair.j_symmetry 
_ndb_struct_na_base_pair.shear 
_ndb_struct_na_base_pair.stretch 
_ndb_struct_na_base_pair.stagger 
_ndb_struct_na_base_pair.buckle 
_ndb_struct_na_base_pair.propeller 
_ndb_struct_na_base_pair.opening 
_ndb_struct_na_base_pair.pair_number 
_ndb_struct_na_base_pair.pair_name 
_ndb_struct_na_base_pair.i_auth_asym_id 
_ndb_struct_na_base_pair.i_auth_seq_id 
_ndb_struct_na_base_pair.i_PDB_ins_code 
_ndb_struct_na_base_pair.j_auth_asym_id 
_ndb_struct_na_base_pair.j_auth_seq_id 
_ndb_struct_na_base_pair.j_PDB_ins_code 
_ndb_struct_na_base_pair.hbond_type_28 
_ndb_struct_na_base_pair.hbond_type_12 
1 A C 1  1_555 A G 12 2_755 0.159  -0.084 -0.045 9.147  -17.370 0.498   1  A_C1001:G1012_A A 1001 ? A 1012 ? 19 1 
1 A G 2  1_555 A C 11 2_755 -0.297 -0.153 0.005  -5.080 -18.047 0.947   2  A_G1002:C1011_A A 1002 ? A 1011 ? 19 1 
1 A C 3  1_555 A G 10 2_755 0.159  -0.138 0.211  -2.446 -14.750 -1.971  3  A_C1003:G1010_A A 1003 ? A 1010 ? 19 1 
1 A G 4  1_555 A A 9  2_755 -0.001 1.500  -0.292 3.264  -10.075 -17.795 4  A_G1004:A1009_A A 1004 ? A 1009 ? 8  ? 
1 A A 5  1_555 A U 8  2_755 0.105  -0.027 0.125  1.036  -15.573 -5.152  5  A_A1005:U1008_A A 1005 ? A 1008 ? 20 1 
1 A A 6  1_555 A U 7  2_755 0.038  -0.078 0.049  2.264  -25.321 -1.661  6  A_A1006:U1007_A A 1006 ? A 1007 ? 20 1 
1 A U 7  1_555 A A 6  2_755 -0.038 -0.078 0.049  -2.264 -25.321 -1.661  7  A_U1007:A1006_A A 1007 ? A 1006 ? 20 1 
1 A U 8  1_555 A A 5  2_755 -0.105 -0.027 0.125  -1.036 -15.573 -5.152  8  A_U1008:A1005_A A 1008 ? A 1005 ? 20 1 
1 A A 9  1_555 A G 4  2_755 0.001  1.500  -0.292 -3.264 -10.075 -17.795 9  A_A1009:G1004_A A 1009 ? A 1004 ? 8  ? 
1 A G 10 1_555 A C 3  2_755 -0.159 -0.138 0.211  2.446  -14.750 -1.971  10 A_G1010:C1003_A A 1010 ? A 1003 ? 19 1 
1 A C 11 1_555 A G 2  2_755 0.297  -0.153 0.005  5.080  -18.048 0.947   11 A_C1011:G1002_A A 1011 ? A 1002 ? 19 1 
1 A G 12 1_555 A C 1  2_755 -0.159 -0.084 -0.045 -9.147 -17.370 0.498   12 A_G1012:C1001_A A 1012 ? A 1001 ? 19 1 
# 
loop_
_ndb_struct_na_base_pair_step.model_number 
_ndb_struct_na_base_pair_step.i_label_asym_id_1 
_ndb_struct_na_base_pair_step.i_label_comp_id_1 
_ndb_struct_na_base_pair_step.i_label_seq_id_1 
_ndb_struct_na_base_pair_step.i_symmetry_1 
_ndb_struct_na_base_pair_step.j_label_asym_id_1 
_ndb_struct_na_base_pair_step.j_label_comp_id_1 
_ndb_struct_na_base_pair_step.j_label_seq_id_1 
_ndb_struct_na_base_pair_step.j_symmetry_1 
_ndb_struct_na_base_pair_step.i_label_asym_id_2 
_ndb_struct_na_base_pair_step.i_label_comp_id_2 
_ndb_struct_na_base_pair_step.i_label_seq_id_2 
_ndb_struct_na_base_pair_step.i_symmetry_2 
_ndb_struct_na_base_pair_step.j_label_asym_id_2 
_ndb_struct_na_base_pair_step.j_label_comp_id_2 
_ndb_struct_na_base_pair_step.j_label_seq_id_2 
_ndb_struct_na_base_pair_step.j_symmetry_2 
_ndb_struct_na_base_pair_step.shift 
_ndb_struct_na_base_pair_step.slide 
_ndb_struct_na_base_pair_step.rise 
_ndb_struct_na_base_pair_step.tilt 
_ndb_struct_na_base_pair_step.roll 
_ndb_struct_na_base_pair_step.twist 
_ndb_struct_na_base_pair_step.x_displacement 
_ndb_struct_na_base_pair_step.y_displacement 
_ndb_struct_na_base_pair_step.helical_rise 
_ndb_struct_na_base_pair_step.inclination 
_ndb_struct_na_base_pair_step.tip 
_ndb_struct_na_base_pair_step.helical_twist 
_ndb_struct_na_base_pair_step.step_number 
_ndb_struct_na_base_pair_step.step_name 
_ndb_struct_na_base_pair_step.i_auth_asym_id_1 
_ndb_struct_na_base_pair_step.i_auth_seq_id_1 
_ndb_struct_na_base_pair_step.i_PDB_ins_code_1 
_ndb_struct_na_base_pair_step.j_auth_asym_id_1 
_ndb_struct_na_base_pair_step.j_auth_seq_id_1 
_ndb_struct_na_base_pair_step.j_PDB_ins_code_1 
_ndb_struct_na_base_pair_step.i_auth_asym_id_2 
_ndb_struct_na_base_pair_step.i_auth_seq_id_2 
_ndb_struct_na_base_pair_step.i_PDB_ins_code_2 
_ndb_struct_na_base_pair_step.j_auth_asym_id_2 
_ndb_struct_na_base_pair_step.j_auth_seq_id_2 
_ndb_struct_na_base_pair_step.j_PDB_ins_code_2 
1 A C 1  1_555 A G 12 2_755 A G 2  1_555 A C 11 2_755 -0.412 -1.599 3.432 -3.057 13.673 32.919 -4.516 0.245  2.611 22.880 5.116  
35.700 1  AA_C1001G1002:C1011G1012_AA A 1001 ? A 1012 ? A 1002 ? A 1011 ? 
1 A G 2  1_555 A C 11 2_755 A C 3  1_555 A G 10 2_755 -0.414 -1.321 3.185 -2.099 3.102  35.278 -2.605 0.385  3.080 5.100  3.451  
35.470 2  AA_G1002C1003:G1010C1011_AA A 1002 ? A 1011 ? A 1003 ? A 1010 ? 
1 A C 3  1_555 A G 10 2_755 A G 4  1_555 A A 9  2_755 -0.988 -1.394 3.112 2.281  10.910 26.028 -5.024 2.477  2.262 22.931 -4.795 
28.276 3  AA_C1003G1004:A1009G1010_AA A 1003 ? A 1010 ? A 1004 ? A 1009 ? 
1 A G 4  1_555 A A 9  2_755 A A 5  1_555 A U 8  2_755 0.453  -1.625 3.239 -3.315 13.227 29.760 -4.915 -1.313 2.269 24.218 6.070  
32.671 4  AA_G1004A1005:U1008A1009_AA A 1004 ? A 1009 ? A 1005 ? A 1008 ? 
1 A A 5  1_555 A U 8  2_755 A A 6  1_555 A U 7  2_755 0.187  -0.908 3.179 1.871  7.895  35.626 -2.481 -0.053 2.924 12.702 -3.010 
36.509 5  AA_A1005A1006:U1007U1008_AA A 1005 ? A 1008 ? A 1006 ? A 1007 ? 
1 A A 6  1_555 A U 7  2_755 A U 7  1_555 A A 6  2_755 0.000  -1.114 3.357 0.000  10.373 31.494 -3.660 0.000  2.857 18.494 0.000  
33.117 6  AA_A1006U1007:A1006U1007_AA A 1006 ? A 1007 ? A 1007 ? A 1006 ? 
1 A U 7  1_555 A A 6  2_755 A U 8  1_555 A A 5  2_755 -0.187 -0.908 3.179 -1.871 7.895  35.626 -2.481 0.053  2.924 12.702 3.010  
36.509 7  AA_U1007U1008:A1005A1006_AA A 1007 ? A 1006 ? A 1008 ? A 1005 ? 
1 A U 8  1_555 A A 5  2_755 A A 9  1_555 A G 4  2_755 -0.453 -1.625 3.239 3.315  13.227 29.760 -4.915 1.313  2.269 24.218 -6.070 
32.671 8  AA_U1008A1009:G1004A1005_AA A 1008 ? A 1005 ? A 1009 ? A 1004 ? 
1 A A 9  1_555 A G 4  2_755 A G 10 1_555 A C 3  2_755 0.988  -1.394 3.112 -2.281 10.910 26.028 -5.024 -2.477 2.262 22.931 4.795  
28.276 9  AA_A1009G1010:C1003G1004_AA A 1009 ? A 1004 ? A 1010 ? A 1003 ? 
1 A G 10 1_555 A C 3  2_755 A C 11 1_555 A G 2  2_755 0.414  -1.321 3.185 2.098  3.102  35.278 -2.605 -0.385 3.080 5.100  -3.450 
35.470 10 AA_G1010C1011:G1002C1003_AA A 1010 ? A 1003 ? A 1011 ? A 1002 ? 
1 A C 11 1_555 A G 2  2_755 A G 12 1_555 A C 1  2_755 0.412  -1.599 3.432 3.057  13.673 32.919 -4.516 -0.245 2.611 22.880 -5.116 
35.700 11 AA_C1011G1012:C1001G1002_AA A 1011 ? A 1002 ? A 1012 ? A 1001 ? 
# 
_pdbx_initial_refinement_model.accession_code   ? 
_pdbx_initial_refinement_model.id               1 
_pdbx_initial_refinement_model.entity_id_list   ? 
_pdbx_initial_refinement_model.type             'experimental model' 
_pdbx_initial_refinement_model.source_name      Other 
_pdbx_initial_refinement_model.details          'A native A-RNA' 
# 
_atom_sites.entry_id                    2Q1R 
_atom_sites.fract_transf_matrix[1][1]   0.02915606 
_atom_sites.fract_transf_matrix[1][2]   -0.01126544 
_atom_sites.fract_transf_matrix[1][3]   0.00087451 
_atom_sites.fract_transf_matrix[2][1]   0.00946723 
_atom_sites.fract_transf_matrix[2][2]   0.02345513 
_atom_sites.fract_transf_matrix[2][3]   -0.01348743 
_atom_sites.fract_transf_matrix[3][1]   0.02834445 
_atom_sites.fract_transf_matrix[3][2]   0.00475927 
_atom_sites.fract_transf_matrix[3][3]   0.02817236 
_atom_sites.fract_transf_vector[1]      1.018251 
_atom_sites.fract_transf_vector[2]      -0.009230 
_atom_sites.fract_transf_vector[3]      -0.047059 
# 
loop_
_atom_type.symbol 
C  
MG 
N  
O  
P  
# 
loop_
_atom_site.group_PDB 
_atom_site.id 
_atom_site.type_symbol 
_atom_site.label_atom_id 
_atom_site.label_alt_id 
_atom_site.label_comp_id 
_atom_site.label_asym_id 
_atom_site.label_entity_id 
_atom_site.label_seq_id 
_atom_site.pdbx_PDB_ins_code 
_atom_site.Cartn_x 
_atom_site.Cartn_y 
_atom_site.Cartn_z 
_atom_site.occupancy 
_atom_site.B_iso_or_equiv 
_atom_site.pdbx_formal_charge 
_atom_site.auth_seq_id 
_atom_site.auth_comp_id 
_atom_site.auth_asym_id 
_atom_site.auth_atom_id 
_atom_site.pdbx_PDB_model_num 
ATOM   1   O  "O5'" . C   A 1 1  ? 6.672   2.352   13.800  1.00 21.59 ? 1001 C   A "O5'" 1 
ATOM   2   C  "C5'" . C   A 1 1  ? 6.845   1.172   14.587  1.00 17.03 ? 1001 C   A "C5'" 1 
ATOM   3   C  "C4'" . C   A 1 1  ? 5.686   0.856   15.501  1.00 14.79 ? 1001 C   A "C4'" 1 
ATOM   4   O  "O4'" . C   A 1 1  ? 5.359   2.006   16.341  1.00 12.73 ? 1001 C   A "O4'" 1 
ATOM   5   C  "C3'" . C   A 1 1  ? 4.398   0.635   14.688  1.00 13.23 ? 1001 C   A "C3'" 1 
ATOM   6   O  "O3'" . C   A 1 1  ? 4.421   -0.672  14.124  1.00 14.75 ? 1001 C   A "O3'" 1 
ATOM   7   C  "C2'" . C   A 1 1  ? 3.387   0.867   15.806  1.00 12.36 ? 1001 C   A "C2'" 1 
ATOM   8   O  "O2'" . C   A 1 1  ? 3.472   -0.245  16.705  1.00 13.94 ? 1001 C   A "O2'" 1 
ATOM   9   C  "C1'" . C   A 1 1  ? 3.942   2.099   16.448  1.00 11.54 ? 1001 C   A "C1'" 1 
ATOM   10  N  N1    . C   A 1 1  ? 3.465   3.363   15.870  1.00 11.30 ? 1001 C   A N1    1 
ATOM   11  C  C2    . C   A 1 1  ? 2.152   3.745   16.193  1.00 11.03 ? 1001 C   A C2    1 
ATOM   12  O  O2    . C   A 1 1  ? 1.484   2.990   16.923  1.00 11.94 ? 1001 C   A O2    1 
ATOM   13  N  N3    . C   A 1 1  ? 1.678   4.939   15.762  1.00 11.04 ? 1001 C   A N3    1 
ATOM   14  C  C4    . C   A 1 1  ? 2.441   5.711   14.968  1.00 10.95 ? 1001 C   A C4    1 
ATOM   15  N  N4    . C   A 1 1  ? 1.894   6.865   14.533  1.00 11.73 ? 1001 C   A N4    1 
ATOM   16  C  C5    . C   A 1 1  ? 3.728   5.304   14.539  1.00 11.83 ? 1001 C   A C5    1 
ATOM   17  C  C6    . C   A 1 1  ? 4.221   4.144   15.055  1.00 11.80 ? 1001 C   A C6    1 
ATOM   18  P  P     . G   A 1 2  ? 3.569   -0.993  12.827  1.00 14.40 ? 1002 G   A P     1 
ATOM   19  O  OP1   . G   A 1 2  ? 4.066   -2.330  12.392  1.00 17.64 ? 1002 G   A OP1   1 
ATOM   20  O  OP2   . G   A 1 2  ? 3.616   0.084   11.797  1.00 14.84 ? 1002 G   A OP2   1 
ATOM   21  O  "O5'" . G   A 1 2  ? 2.078   -0.991  13.354  1.00 13.71 ? 1002 G   A "O5'" 1 
ATOM   22  C  "C5'" . G   A 1 2  ? 1.587   -1.959  14.285  1.00 14.56 ? 1002 G   A "C5'" 1 
ATOM   23  C  "C4'" . G   A 1 2  ? 0.126   -1.718  14.594  1.00 13.93 ? 1002 G   A "C4'" 1 
ATOM   24  O  "O4'" . G   A 1 2  ? 0.042   -0.393  15.220  1.00 14.21 ? 1002 G   A "O4'" 1 
ATOM   25  C  "C3'" . G   A 1 2  ? -0.733  -1.537  13.338  1.00 14.93 ? 1002 G   A "C3'" 1 
ATOM   26  O  "O3'" . G   A 1 2  ? -1.179  -2.816  12.883  1.00 13.85 ? 1002 G   A "O3'" 1 
ATOM   27  C  "C2'" . G   A 1 2  ? -1.916  -0.751  13.928  1.00 13.31 ? 1002 G   A "C2'" 1 
ATOM   28  O  "O2'" . G   A 1 2  ? -2.696  -1.595  14.753  1.00 17.44 ? 1002 G   A "O2'" 1 
ATOM   29  C  "C1'" . G   A 1 2  ? -1.125  0.199   14.706  1.00 13.57 ? 1002 G   A "C1'" 1 
ATOM   30  N  N9    . G   A 1 2  ? -0.744  1.451   14.103  1.00 12.05 ? 1002 G   A N9    1 
ATOM   31  C  C8    . G   A 1 2  ? 0.499   1.833   13.680  1.00 12.21 ? 1002 G   A C8    1 
ATOM   32  N  N7    . G   A 1 2  ? 0.527   3.044   13.225  1.00 12.16 ? 1002 G   A N7    1 
ATOM   33  C  C5    . G   A 1 2  ? -0.802  3.501   13.322  1.00 11.04 ? 1002 G   A C5    1 
ATOM   34  C  C6    . G   A 1 2  ? -1.390  4.744   12.980  1.00 10.39 ? 1002 G   A C6    1 
ATOM   35  O  O6    . G   A 1 2  ? -0.838  5.785   12.581  1.00 10.96 ? 1002 G   A O6    1 
ATOM   36  N  N1    . G   A 1 2  ? -2.779  4.747   13.212  1.00 10.86 ? 1002 G   A N1    1 
ATOM   37  C  C2    . G   A 1 2  ? -3.456  3.696   13.746  1.00 11.01 ? 1002 G   A C2    1 
ATOM   38  N  N2    . G   A 1 2  ? -4.782  3.871   13.863  1.00 11.87 ? 1002 G   A N2    1 
ATOM   39  N  N3    . G   A 1 2  ? -2.929  2.534   14.102  1.00 11.96 ? 1002 G   A N3    1 
ATOM   40  C  C4    . G   A 1 2  ? -1.587  2.518   13.853  1.00 10.98 ? 1002 G   A C4    1 
ATOM   41  P  P     . C   A 1 3  ? -1.484  -2.976  11.323  1.00 14.23 ? 1003 C   A P     1 
ATOM   42  O  OP1   . C   A 1 3  ? -1.722  -4.419  11.146  1.00 16.65 ? 1003 C   A OP1   1 
ATOM   43  O  OP2   . C   A 1 3  ? -0.490  -2.262  10.504  1.00 14.22 ? 1003 C   A OP2   1 
ATOM   44  O  "O5'" . C   A 1 3  ? -2.850  -2.146  11.122  1.00 12.90 ? 1003 C   A "O5'" 1 
ATOM   45  C  "C5'" . C   A 1 3  ? -4.054  -2.576  11.767  1.00 13.70 ? 1003 C   A "C5'" 1 
ATOM   46  C  "C4'" . C   A 1 3  ? -5.146  -1.620  11.463  1.00 11.89 ? 1003 C   A "C4'" 1 
ATOM   47  O  "O4'" . C   A 1 3  ? -4.834  -0.330  12.078  1.00 11.77 ? 1003 C   A "O4'" 1 
ATOM   48  C  "C3'" . C   A 1 3  ? -5.390  -1.207  10.008  1.00 11.52 ? 1003 C   A "C3'" 1 
ATOM   49  O  "O3'" . C   A 1 3  ? -6.141  -2.258  9.348   1.00 11.77 ? 1003 C   A "O3'" 1 
ATOM   50  C  "C2'" . C   A 1 3  ? -6.194  0.065   10.181  1.00 10.77 ? 1003 C   A "C2'" 1 
ATOM   51  O  "O2'" . C   A 1 3  ? -7.520  -0.177  10.669  1.00 11.49 ? 1003 C   A "O2'" 1 
ATOM   52  C  "C1'" . C   A 1 3  ? -5.409  0.739   11.295  1.00 10.92 ? 1003 C   A "C1'" 1 
ATOM   53  N  N1    . C   A 1 3  ? -4.308  1.590   10.837  1.00 10.07 ? 1003 C   A N1    1 
ATOM   54  C  C2    . C   A 1 3  ? -4.619  2.903   10.439  1.00 9.23  ? 1003 C   A C2    1 
ATOM   55  O  O2    . C   A 1 3  ? -5.805  3.249   10.445  1.00 10.06 ? 1003 C   A O2    1 
ATOM   56  N  N3    . C   A 1 3  ? -3.624  3.740   10.115  1.00 8.95  ? 1003 C   A N3    1 
ATOM   57  C  C4    . C   A 1 3  ? -2.357  3.290   10.027  1.00 9.40  ? 1003 C   A C4    1 
ATOM   58  N  N4    . C   A 1 3  ? -1.420  4.164   9.701   1.00 10.30 ? 1003 C   A N4    1 
ATOM   59  C  C5    . C   A 1 3  ? -2.032  1.925   10.336  1.00 10.09 ? 1003 C   A C5    1 
ATOM   60  C  C6    . C   A 1 3  ? -3.026  1.111   10.730  1.00 10.66 ? 1003 C   A C6    1 
ATOM   61  P  P     . G   A 1 4  ? -5.614  -2.867  7.947   1.00 12.86 ? 1004 G   A P     1 
ATOM   62  O  OP1   . G   A 1 4  ? -6.129  -4.230  7.830   1.00 16.56 ? 1004 G   A OP1   1 
ATOM   63  O  OP2   . G   A 1 4  ? -4.215  -2.586  7.752   1.00 14.25 ? 1004 G   A OP2   1 
ATOM   64  O  "O5'" . G   A 1 4  ? -6.319  -1.973  6.800   1.00 12.23 ? 1004 G   A "O5'" 1 
ATOM   65  C  "C5'" . G   A 1 4  ? -7.799  -2.105  6.707   1.00 12.64 ? 1004 G   A "C5'" 1 
ATOM   66  C  "C4'" . G   A 1 4  ? -8.408  -0.803  6.325   1.00 11.01 ? 1004 G   A "C4'" 1 
ATOM   67  O  "O4'" . G   A 1 4  ? -8.064  0.163   7.362   1.00 11.70 ? 1004 G   A "O4'" 1 
ATOM   68  C  "C3'" . G   A 1 4  ? -7.903  -0.090  5.072   1.00 10.75 ? 1004 G   A "C3'" 1 
ATOM   69  O  "O3'" . G   A 1 4  ? -8.481  -0.722  3.938   1.00 11.94 ? 1004 G   A "O3'" 1 
ATOM   70  C  "C2'" . G   A 1 4  ? -8.425  1.315   5.349   1.00 10.49 ? 1004 G   A "C2'" 1 
ATOM   71  O  "O2'" . G   A 1 4  ? -9.839  1.294   5.280   1.00 12.54 ? 1004 G   A "O2'" 1 
ATOM   72  C  "C1'" . G   A 1 4  ? -7.973  1.455   6.802   1.00 10.38 ? 1004 G   A "C1'" 1 
ATOM   73  N  N9    . G   A 1 4  ? -6.586  1.946   6.876   1.00 9.93  ? 1004 G   A N9    1 
ATOM   74  C  C8    . G   A 1 4  ? -5.418  1.259   7.071   1.00 9.86  ? 1004 G   A C8    1 
ATOM   75  N  N7    . G   A 1 4  ? -4.363  2.035   7.064   1.00 9.33  ? 1004 G   A N7    1 
ATOM   76  C  C5    . G   A 1 4  ? -4.865  3.300   6.831   1.00 8.69  ? 1004 G   A C5    1 
ATOM   77  C  C6    . G   A 1 4  ? -4.246  4.558   6.648   1.00 8.65  ? 1004 G   A C6    1 
ATOM   78  O  O6    . G   A 1 4  ? -3.036  4.819   6.753   1.00 8.60  ? 1004 G   A O6    1 
ATOM   79  N  N1    . G   A 1 4  ? -5.158  5.582   6.354   1.00 9.60  ? 1004 G   A N1    1 
ATOM   80  C  C2    . G   A 1 4  ? -6.516  5.416   6.235   1.00 9.43  ? 1004 G   A C2    1 
ATOM   81  N  N2    . G   A 1 4  ? -7.259  6.496   5.909   1.00 11.70 ? 1004 G   A N2    1 
ATOM   82  N  N3    . G   A 1 4  ? -7.100  4.233   6.404   1.00 9.91  ? 1004 G   A N3    1 
ATOM   83  C  C4    . G   A 1 4  ? -6.228  3.253   6.682   1.00 9.56  ? 1004 G   A C4    1 
ATOM   84  P  P     . A   A 1 5  ? -7.800  -0.543  2.504   1.00 13.55 ? 1005 A   A P     1 
ATOM   85  O  OP1   . A   A 1 5  ? -8.673  -1.312  1.564   1.00 18.73 ? 1005 A   A OP1   1 
ATOM   86  O  OP2   . A   A 1 5  ? -6.351  -0.901  2.585   1.00 16.57 ? 1005 A   A OP2   1 
ATOM   87  O  "O5'" . A   A 1 5  ? -7.867  1.006   2.189   1.00 12.46 ? 1005 A   A "O5'" 1 
ATOM   88  C  "C5'" . A   A 1 5  ? -9.152  1.669   1.933   1.00 13.33 ? 1005 A   A "C5'" 1 
ATOM   89  C  "C4'" . A   A 1 5  ? -8.920  3.146   1.686   1.00 12.40 ? 1005 A   A "C4'" 1 
ATOM   90  O  "O4'" . A   A 1 5  ? -8.207  3.777   2.794   1.00 12.35 ? 1005 A   A "O4'" 1 
ATOM   91  C  "C3'" . A   A 1 5  ? -7.973  3.421   0.499   1.00 12.31 ? 1005 A   A "C3'" 1 
ATOM   92  O  "O3'" . A   A 1 5  ? -8.683  3.213   -0.709  1.00 14.86 ? 1005 A   A "O3'" 1 
ATOM   93  C  "C2'" . A   A 1 5  ? -7.587  4.853   0.779   1.00 12.26 ? 1005 A   A "C2'" 1 
ATOM   94  O  "O2'" . A   A 1 5  ? -8.682  5.696   0.455   1.00 15.26 ? 1005 A   A "O2'" 1 
ATOM   95  C  "C1'" . A   A 1 5  ? -7.389  4.842   2.281   1.00 11.71 ? 1005 A   A "C1'" 1 
ATOM   96  N  N9    . A   A 1 5  ? -6.017  4.553   2.705   1.00 10.54 ? 1005 A   A N9    1 
ATOM   97  C  C8    . A   A 1 5  ? -5.499  3.392   3.200   1.00 11.28 ? 1005 A   A C8    1 
ATOM   98  N  N7    . A   A 1 5  ? -4.229  3.496   3.493   1.00 10.84 ? 1005 A   A N7    1 
ATOM   99  C  C5    . A   A 1 5  ? -3.855  4.784   3.182   1.00 10.26 ? 1005 A   A C5    1 
ATOM   100 C  C6    . A   A 1 5  ? -2.657  5.509   3.287   1.00 10.06 ? 1005 A   A C6    1 
ATOM   101 N  N6    . A   A 1 5  ? -1.538  4.986   3.800   1.00 10.89 ? 1005 A   A N6    1 
ATOM   102 N  N1    . A   A 1 5  ? -2.651  6.789   2.854   1.00 11.25 ? 1005 A   A N1    1 
ATOM   103 C  C2    . A   A 1 5  ? -3.789  7.341   2.382   1.00 10.93 ? 1005 A   A C2    1 
ATOM   104 N  N3    . A   A 1 5  ? -4.972  6.742   2.260   1.00 11.42 ? 1005 A   A N3    1 
ATOM   105 C  C4    . A   A 1 5  ? -4.993  5.468   2.691   1.00 10.02 ? 1005 A   A C4    1 
ATOM   106 P  P     . A   A 1 6  ? -7.934  2.646   -2.014  1.00 15.80 ? 1006 A   A P     1 
ATOM   107 O  OP1   . A   A 1 6  ? -9.024  2.313   -2.951  1.00 21.12 ? 1006 A   A OP1   1 
ATOM   108 O  OP2   . A   A 1 6  ? -6.903  1.651   -1.638  1.00 19.37 ? 1006 A   A OP2   1 
ATOM   109 O  "O5'" . A   A 1 6  ? -7.171  3.954   -2.526  1.00 15.36 ? 1006 A   A "O5'" 1 
ATOM   110 C  "C5'" . A   A 1 6  ? -7.909  5.163   -2.944  1.00 17.62 ? 1006 A   A "C5'" 1 
ATOM   111 C  "C4'" . A   A 1 6  ? -6.869  6.227   -3.112  1.00 15.60 ? 1006 A   A "C4'" 1 
ATOM   112 O  "O4'" . A   A 1 6  ? -6.306  6.534   -1.786  1.00 14.56 ? 1006 A   A "O4'" 1 
ATOM   113 C  "C3'" . A   A 1 6  ? -5.633  5.900   -3.956  1.00 14.84 ? 1006 A   A "C3'" 1 
ATOM   114 O  "O3'" . A   A 1 6  ? -5.969  6.055   -5.357  1.00 15.07 ? 1006 A   A "O3'" 1 
ATOM   115 C  "C2'" . A   A 1 6  ? -4.652  6.954   -3.468  1.00 13.81 ? 1006 A   A "C2'" 1 
ATOM   116 O  "O2'" . A   A 1 6  ? -4.928  8.267   -3.900  1.00 15.78 ? 1006 A   A "O2'" 1 
ATOM   117 C  "C1'" . A   A 1 6  ? -4.951  6.912   -1.969  1.00 14.17 ? 1006 A   A "C1'" 1 
ATOM   118 N  N9    . A   A 1 6  ? -4.106  5.932   -1.284  1.00 12.82 ? 1006 A   A N9    1 
ATOM   119 C  C8    . A   A 1 6  ? -4.382  4.613   -1.006  1.00 13.25 ? 1006 A   A C8    1 
ATOM   120 N  N7    . A   A 1 6  ? -3.431  4.009   -0.350  1.00 12.47 ? 1006 A   A N7    1 
ATOM   121 C  C5    . A   A 1 6  ? -2.427  4.960   -0.196  1.00 11.86 ? 1006 A   A C5    1 
ATOM   122 C  C6    . A   A 1 6  ? -1.149  4.903   0.386   1.00 12.29 ? 1006 A   A C6    1 
ATOM   123 N  N6    . A   A 1 6  ? -0.636  3.855   1.017   1.00 13.55 ? 1006 A   A N6    1 
ATOM   124 N  N1    . A   A 1 6  ? -0.405  6.046   0.341   1.00 13.34 ? 1006 A   A N1    1 
ATOM   125 C  C2    . A   A 1 6  ? -0.934  7.125   -0.248  1.00 14.54 ? 1006 A   A C2    1 
ATOM   126 N  N3    . A   A 1 6  ? -2.127  7.276   -0.855  1.00 13.30 ? 1006 A   A N3    1 
ATOM   127 C  C4    . A   A 1 6  ? -2.825  6.147   -0.791  1.00 12.06 ? 1006 A   A C4    1 
ATOM   128 P  P     . U   A 1 7  ? -5.158  5.205   -6.448  1.00 14.72 ? 1007 U   A P     1 
ATOM   129 O  OP1   . U   A 1 7  ? -5.837  5.382   -7.715  1.00 18.86 ? 1007 U   A OP1   1 
ATOM   130 O  OP2   . U   A 1 7  ? -4.842  3.843   -5.966  1.00 18.90 ? 1007 U   A OP2   1 
ATOM   131 O  "O5'" . U   A 1 7  ? -3.692  5.852   -6.485  1.00 14.26 ? 1007 U   A "O5'" 1 
ATOM   132 C  "C5'" . U   A 1 7  ? -3.534  7.219   -6.903  1.00 14.63 ? 1007 U   A "C5'" 1 
ATOM   133 C  "C4'" . U   A 1 7  ? -2.113  7.688   -6.592  1.00 13.80 ? 1007 U   A "C4'" 1 
ATOM   134 O  "O4'" . U   A 1 7  ? -1.895  7.584   -5.133  1.00 14.27 ? 1007 U   A "O4'" 1 
ATOM   135 C  "C3'" . U   A 1 7  ? -0.988  6.787   -7.141  1.00 12.44 ? 1007 U   A "C3'" 1 
ATOM   136 O  "O3'" . U   A 1 7  ? -0.792  7.125   -8.537  1.00 14.99 ? 1007 U   A "O3'" 1 
ATOM   137 C  "C2'" . U   A 1 7  ? 0.133   7.179   -6.212  1.00 13.45 ? 1007 U   A "C2'" 1 
ATOM   138 O  "O2'" . U   A 1 7  ? 0.555   8.495   -6.580  1.00 15.44 ? 1007 U   A "O2'" 1 
ATOM   139 C  "C1'" . U   A 1 7  ? -0.549  7.199   -4.855  1.00 14.53 ? 1007 U   A "C1'" 1 
ATOM   140 N  N1    . U   A 1 7  ? -0.560  5.897   -4.118  1.00 13.64 ? 1007 U   A N1    1 
ATOM   141 C  C2    . U   A 1 7  ? 0.587   5.626   -3.404  1.00 13.20 ? 1007 U   A C2    1 
ATOM   142 O  O2    . U   A 1 7  ? 1.544   6.379   -3.462  1.00 15.05 ? 1007 U   A O2    1 
ATOM   143 N  N3    . U   A 1 7  ? 0.587   4.441   -2.683  1.00 12.33 ? 1007 U   A N3    1 
ATOM   144 C  C4    . U   A 1 7  ? -0.430  3.515   -2.668  1.00 12.83 ? 1007 U   A C4    1 
ATOM   145 O  O4    . U   A 1 7  ? -0.330  2.511   -1.952  1.00 12.84 ? 1007 U   A O4    1 
ATOM   146 C  C5    . U   A 1 7  ? -1.553  3.845   -3.471  1.00 13.01 ? 1007 U   A C5    1 
ATOM   147 C  C6    . U   A 1 7  ? -1.567  4.969   -4.205  1.00 12.67 ? 1007 U   A C6    1 
ATOM   148 P  P     . U   A 1 8  ? -0.183  6.035   -9.524  1.00 15.51 ? 1008 U   A P     1 
ATOM   149 O  OP1   . U   A 1 8  ? -0.221  6.674   -10.858 1.00 18.52 ? 1008 U   A OP1   1 
ATOM   150 O  OP2   . U   A 1 8  ? -0.786  4.714   -9.309  1.00 18.39 ? 1008 U   A OP2   1 
ATOM   151 O  "O5'" . U   A 1 8  ? 1.349   5.920   -9.048  1.00 15.63 ? 1008 U   A "O5'" 1 
ATOM   152 C  "C5'" . U   A 1 8  ? 2.279   7.021   -9.161  1.00 17.46 ? 1008 U   A "C5'" 1 
ATOM   153 C  "C4'" . U   A 1 8  ? 3.653   6.714   -8.566  1.00 17.35 ? 1008 U   A "C4'" 1 
ATOM   154 O  "O4'" . U   A 1 8  ? 3.434   6.515   -7.124  1.00 15.53 ? 1008 U   A "O4'" 1 
ATOM   155 C  "C3'" . U   A 1 8  ? 4.200   5.344   -8.986  1.00 17.00 ? 1008 U   A "C3'" 1 
ATOM   156 O  "O3'" . U   A 1 8  ? 4.863   5.476   -10.216 1.00 20.94 ? 1008 U   A "O3'" 1 
ATOM   157 C  "C2'" . U   A 1 8  ? 5.204   5.083   -7.854  1.00 17.27 ? 1008 U   A "C2'" 1 
ATOM   158 O  "O2'" . U   A 1 8  ? 6.325   5.954   -7.983  1.00 20.67 ? 1008 U   A "O2'" 1 
ATOM   159 C  "C1'" . U   A 1 8  ? 4.315   5.482   -6.687  1.00 14.92 ? 1008 U   A "C1'" 1 
ATOM   160 N  N1    . U   A 1 8  ? 3.476   4.405   -6.107  1.00 12.28 ? 1008 U   A N1    1 
ATOM   161 C  C2    . U   A 1 8  ? 4.070   3.585   -5.149  1.00 12.13 ? 1008 U   A C2    1 
ATOM   162 O  O2    . U   A 1 8  ? 5.238   3.706   -4.780  1.00 15.41 ? 1008 U   A O2    1 
ATOM   163 N  N3    . U   A 1 8  ? 3.272   2.644   -4.584  1.00 11.42 ? 1008 U   A N3    1 
ATOM   164 C  C4    . U   A 1 8  ? 1.949   2.386   -4.971  1.00 11.25 ? 1008 U   A C4    1 
ATOM   165 O  O4    . U   A 1 8  ? 1.333   1.506   -4.362  1.00 11.63 ? 1008 U   A O4    1 
ATOM   166 C  C5    . U   A 1 8  ? 1.411   3.241   -5.984  1.00 11.82 ? 1008 U   A C5    1 
ATOM   167 C  C6    . U   A 1 8  ? 2.184   4.191   -6.542  1.00 12.91 ? 1008 U   A C6    1 
ATOM   168 P  P     . A   A 1 9  ? 4.697   4.376   -11.332 1.00 23.55 ? 1009 A   A P     1 
ATOM   169 O  OP1   . A   A 1 9  ? 5.184   4.939   -12.612 1.00 32.79 ? 1009 A   A OP1   1 
ATOM   170 O  OP2   . A   A 1 9  ? 3.362   3.750   -11.373 1.00 27.33 ? 1009 A   A OP2   1 
ATOM   171 O  "O5'" . A   A 1 9  ? 5.650   3.163   -10.838 1.00 18.18 ? 1009 A   A "O5'" 1 
ATOM   172 C  "C5'" . A   A 1 9  ? 7.064   3.363   -11.075 1.00 20.85 ? 1009 A   A "C5'" 1 
ATOM   173 C  "C4'" . A   A 1 9  ? 7.794   2.388   -10.196 1.00 15.46 ? 1009 A   A "C4'" 1 
ATOM   174 O  "O4'" . A   A 1 9  ? 7.455   2.675   -8.820  1.00 15.07 ? 1009 A   A "O4'" 1 
ATOM   175 C  "C3'" . A   A 1 9  ? 7.392   0.915   -10.321 1.00 13.59 ? 1009 A   A "C3'" 1 
ATOM   176 O  "O3'" . A   A 1 9  ? 7.944   0.338   -11.499 1.00 12.70 ? 1009 A   A "O3'" 1 
ATOM   177 C  "C2'" . A   A 1 9  ? 8.046   0.423   -9.014  1.00 11.40 ? 1009 A   A "C2'" 1 
ATOM   178 O  "O2'" . A   A 1 9  ? 9.454   0.460   -9.131  1.00 13.01 ? 1009 A   A "O2'" 1 
ATOM   179 C  "C1'" . A   A 1 9  ? 7.607   1.541   -7.988  1.00 13.05 ? 1009 A   A "C1'" 1 
ATOM   180 N  N9    . A   A 1 9  ? 6.251   1.137   -7.498  1.00 11.91 ? 1009 A   A N9    1 
ATOM   181 C  C8    . A   A 1 9  ? 5.010   1.416   -7.964  1.00 12.32 ? 1009 A   A C8    1 
ATOM   182 N  N7    . A   A 1 9  ? 4.069   0.783   -7.286  1.00 10.70 ? 1009 A   A N7    1 
ATOM   183 C  C5    . A   A 1 9  ? 4.755   0.034   -6.330  1.00 9.71  ? 1009 A   A C5    1 
ATOM   184 C  C6    . A   A 1 9  ? 4.310   -0.897  -5.389  1.00 9.01  ? 1009 A   A C6    1 
ATOM   185 N  N6    . A   A 1 9  ? 3.040   -1.146  -5.133  1.00 9.09  ? 1009 A   A N6    1 
ATOM   186 N  N1    . A   A 1 9  ? 5.276   -1.473  -4.624  1.00 9.44  ? 1009 A   A N1    1 
ATOM   187 C  C2    . A   A 1 9  ? 6.538   -1.195  -4.880  1.00 10.53 ? 1009 A   A C2    1 
ATOM   188 N  N3    . A   A 1 9  ? 7.071   -0.364  -5.745  1.00 11.93 ? 1009 A   A N3    1 
ATOM   189 C  C4    . A   A 1 9  ? 6.116   0.215   -6.475  1.00 10.49 ? 1009 A   A C4    1 
ATOM   190 P  P     . G   A 1 10 ? 7.379   -1.039  -12.099 1.00 14.11 ? 1010 G   A P     1 
ATOM   191 O  OP1   . G   A 1 10 ? 8.183   -1.314  -13.325 1.00 17.09 ? 1010 G   A OP1   1 
ATOM   192 O  OP2   . G   A 1 10 ? 5.904   -1.106  -12.162 1.00 18.52 ? 1010 G   A OP2   1 
ATOM   193 O  "O5'" . G   A 1 10 ? 7.734   -2.105  -10.986 1.00 12.53 ? 1010 G   A "O5'" 1 
ATOM   194 C  "C5'" . G   A 1 10 ? 9.120   -2.397  -10.660 1.00 13.04 ? 1010 G   A "C5'" 1 
ATOM   195 C  "C4'" . G   A 1 10 ? 9.100   -3.360  -9.495  1.00 12.48 ? 1010 G   A "C4'" 1 
ATOM   196 O  "O4'" . G   A 1 10 ? 8.403   -2.809  -8.359  1.00 11.90 ? 1010 G   A "O4'" 1 
ATOM   197 C  "C3'" . G   A 1 10 ? 8.381   -4.678  -9.733  1.00 12.89 ? 1010 G   A "C3'" 1 
ATOM   198 O  "O3'" . G   A 1 10 ? 9.273   -5.560  -10.450 1.00 14.76 ? 1010 G   A "O3'" 1 
ATOM   199 C  "C2'" . G   A 1 10 ? 8.201   -5.152  -8.266  1.00 13.32 ? 1010 G   A "C2'" 1 
ATOM   200 O  "O2'" . G   A 1 10 ? 9.441   -5.575  -7.681  1.00 14.66 ? 1010 G   A "O2'" 1 
ATOM   201 C  "C1'" . G   A 1 10 ? 7.777   -3.838  -7.632  1.00 11.24 ? 1010 G   A "C1'" 1 
ATOM   202 N  N9    . G   A 1 10 ? 6.360   -3.647  -7.624  1.00 10.22 ? 1010 G   A N9    1 
ATOM   203 C  C8    . G   A 1 10 ? 5.595   -2.832  -8.425  1.00 10.87 ? 1010 G   A C8    1 
ATOM   204 N  N7    . G   A 1 10 ? 4.319   -2.861  -8.158  1.00 10.29 ? 1010 G   A N7    1 
ATOM   205 C  C5    . G   A 1 10 ? 4.221   -3.804  -7.114  1.00 9.61  ? 1010 G   A C5    1 
ATOM   206 C  C6    . G   A 1 10 ? 3.085   -4.266  -6.423  1.00 9.40  ? 1010 G   A C6    1 
ATOM   207 O  O6    . G   A 1 10 ? 1.908   -3.916  -6.536  1.00 10.30 ? 1010 G   A O6    1 
ATOM   208 N  N1    . G   A 1 10 ? 3.402   -5.222  -5.453  1.00 9.70  ? 1010 G   A N1    1 
ATOM   209 C  C2    . G   A 1 10 ? 4.696   -5.648  -5.204  1.00 9.19  ? 1010 G   A C2    1 
ATOM   210 N  N2    . G   A 1 10 ? 4.842   -6.585  -4.273  1.00 10.42 ? 1010 G   A N2    1 
ATOM   211 N  N3    . G   A 1 10 ? 5.772   -5.183  -5.838  1.00 10.33 ? 1010 G   A N3    1 
ATOM   212 C  C4    . G   A 1 10 ? 5.455   -4.285  -6.791  1.00 10.19 ? 1010 G   A C4    1 
ATOM   213 P  P     . C   A 1 11 ? 8.644   -6.608  -11.468 1.00 17.13 ? 1011 C   A P     1 
ATOM   214 O  OP1   . C   A 1 11 ? 9.849   -7.235  -12.128 1.00 23.12 ? 1011 C   A OP1   1 
ATOM   215 O  OP2   . C   A 1 11 ? 7.590   -6.028  -12.277 1.00 19.07 ? 1011 C   A OP2   1 
ATOM   216 O  "O5'" . C   A 1 11 ? 7.979   -7.709  -10.541 1.00 16.89 ? 1011 C   A "O5'" 1 
ATOM   217 C  "C5'" . C   A 1 11 ? 8.852   -8.481  -9.672  1.00 20.61 ? 1011 C   A "C5'" 1 
ATOM   218 C  "C4'" . C   A 1 11 ? 7.989   -9.202  -8.647  1.00 17.19 ? 1011 C   A "C4'" 1 
ATOM   219 O  "O4'" . C   A 1 11 ? 7.253   -8.223  -7.888  1.00 16.47 ? 1011 C   A "O4'" 1 
ATOM   220 C  "C3'" . C   A 1 11 ? 6.865   -10.096 -9.179  1.00 16.23 ? 1011 C   A "C3'" 1 
ATOM   221 O  "O3'" . C   A 1 11 ? 7.457   -11.354 -9.483  1.00 18.54 ? 1011 C   A "O3'" 1 
ATOM   222 C  "C2'" . C   A 1 11 ? 5.970   -10.195 -7.939  1.00 15.18 ? 1011 C   A "C2'" 1 
ATOM   223 O  "O2'" . C   A 1 11 ? 6.546   -11.011 -6.930  1.00 17.50 ? 1011 C   A "O2'" 1 
ATOM   224 C  "C1'" . C   A 1 11 ? 6.010   -8.767  -7.457  1.00 13.52 ? 1011 C   A "C1'" 1 
ATOM   225 N  N1    . C   A 1 11 ? 4.949   -7.921  -8.032  1.00 12.35 ? 1011 C   A N1    1 
ATOM   226 C  C2    . C   A 1 11 ? 3.692   -8.042  -7.423  1.00 11.84 ? 1011 C   A C2    1 
ATOM   227 O  O2    . C   A 1 11 ? 3.616   -8.866  -6.500  1.00 13.17 ? 1011 C   A O2    1 
ATOM   228 N  N3    . C   A 1 11 ? 2.644   -7.306  -7.886  1.00 11.60 ? 1011 C   A N3    1 
ATOM   229 C  C4    . C   A 1 11 ? 2.841   -6.472  -8.913  1.00 11.24 ? 1011 C   A C4    1 
ATOM   230 N  N4    . C   A 1 11 ? 1.824   -5.707  -9.304  1.00 12.18 ? 1011 C   A N4    1 
ATOM   231 C  C5    . C   A 1 11 ? 4.111   -6.353  -9.571  1.00 12.16 ? 1011 C   A C5    1 
ATOM   232 C  C6    . C   A 1 11 ? 5.121   -7.117  -9.116  1.00 12.78 ? 1011 C   A C6    1 
ATOM   233 P  P     . G   A 1 12 ? 6.740   -12.138 -10.695 1.00 18.88 ? 1012 G   A P     1 
ATOM   234 O  OP1   . G   A 1 12 ? 7.560   -13.353 -10.899 1.00 23.77 ? 1012 G   A OP1   1 
ATOM   235 O  OP2   . G   A 1 12 ? 6.454   -11.203 -11.818 1.00 23.43 ? 1012 G   A OP2   1 
ATOM   236 O  "O5'" . G   A 1 12 ? 5.324   -12.603 -10.134 1.00 15.40 ? 1012 G   A "O5'" 1 
ATOM   237 C  "C5'" . G   A 1 12 ? 5.288   -13.513 -9.007  1.00 15.22 ? 1012 G   A "C5'" 1 
ATOM   238 C  "C4'" . G   A 1 12 ? 3.851   -13.674 -8.571  1.00 13.20 ? 1012 G   A "C4'" 1 
ATOM   239 O  "O4'" . G   A 1 12 ? 3.348   -12.399 -8.079  1.00 12.27 ? 1012 G   A "O4'" 1 
ATOM   240 C  "C3'" . G   A 1 12 ? 2.826   -14.021 -9.660  1.00 12.98 ? 1012 G   A "C3'" 1 
ATOM   241 O  "O3'" . G   A 1 12 ? 2.871   -15.424 -9.955  1.00 17.31 ? 1012 G   A "O3'" 1 
ATOM   242 C  "C2'" . G   A 1 12 ? 1.522   -13.611 -8.962  1.00 11.77 ? 1012 G   A "C2'" 1 
ATOM   243 O  "O2'" . G   A 1 12 ? 1.169   -14.514 -7.921  1.00 13.63 ? 1012 G   A "O2'" 1 
ATOM   244 C  "C1'" . G   A 1 12 ? 1.950   -12.334 -8.275  1.00 11.63 ? 1012 G   A "C1'" 1 
ATOM   245 N  N9    . G   A 1 12 ? 1.662   -11.123 -9.067  1.00 10.79 ? 1012 G   A N9    1 
ATOM   246 C  C8    . G   A 1 12 ? 2.509   -10.419 -9.890  1.00 11.75 ? 1012 G   A C8    1 
ATOM   247 N  N7    . G   A 1 12 ? 1.870   -9.383  -10.431 1.00 11.11 ? 1012 G   A N7    1 
ATOM   248 C  C5    . G   A 1 12 ? 0.588   -9.414  -9.935  1.00 10.42 ? 1012 G   A C5    1 
ATOM   249 C  C6    . G   A 1 12 ? -0.534  -8.569  -10.173 1.00 9.62  ? 1012 G   A C6    1 
ATOM   250 O  O6    . G   A 1 12 ? -0.636  -7.534  -10.850 1.00 10.74 ? 1012 G   A O6    1 
ATOM   251 N  N1    . G   A 1 12 ? -1.668  -9.021  -9.499  1.00 10.22 ? 1012 G   A N1    1 
ATOM   252 C  C2    . G   A 1 12 ? -1.730  -10.128 -8.683  1.00 10.29 ? 1012 G   A C2    1 
ATOM   253 N  N2    . G   A 1 12 ? -2.908  -10.426 -8.132  1.00 10.60 ? 1012 G   A N2    1 
ATOM   254 N  N3    . G   A 1 12 ? -0.675  -10.923 -8.458  1.00 10.96 ? 1012 G   A N3    1 
ATOM   255 C  C4    . G   A 1 12 ? 0.447   -10.495 -9.101  1.00 10.44 ? 1012 G   A C4    1 
HETATM 256 MG MG    . MG  B 2 .  ? 0.589   -0.731  -9.115  1.00 19.94 ? 8001 MG  A MG    1 
HETATM 257 MG MG    . MG  C 2 .  ? 0.069   1.776   6.066   1.00 19.94 ? 8002 MG  A MG    1 
HETATM 258 O  O     . HOH D 3 .  ? -1.695  1.023   6.964   1.00 13.63 ? 9001 HOH A O     1 
HETATM 259 O  O     . HOH D 3 .  ? -0.507  3.597   6.531   1.00 15.51 ? 9002 HOH A O     1 
HETATM 260 O  O     . HOH D 3 .  ? -1.769  -1.408  8.111   1.00 13.88 ? 9003 HOH A O     1 
HETATM 261 O  O     . HOH D 3 .  ? 1.433   0.587   18.313  1.00 20.94 ? 9004 HOH A O     1 
HETATM 262 O  O     . HOH D 3 .  ? 2.351   -1.654  -9.712  1.00 17.98 ? 9005 HOH A O     1 
HETATM 263 O  O     . HOH D 3 .  ? 0.192   -16.912 -8.774  1.00 16.59 ? 9006 HOH A O     1 
HETATM 264 O  O     . HOH D 3 .  ? 1.739   3.838   9.401   1.00 21.35 ? 9007 HOH A O     1 
HETATM 265 O  O     . HOH D 3 .  ? 2.880   9.110   -5.450  1.00 22.55 ? 9008 HOH A O     1 
HETATM 266 O  O     . HOH D 3 .  ? 1.829   2.677   5.123   1.00 18.66 ? 9009 HOH A O     1 
HETATM 267 O  O     . HOH D 3 .  ? -8.124  9.583   5.547   1.00 19.99 ? 9010 HOH A O     1 
HETATM 268 O  O     . HOH D 3 .  ? 6.996   -15.737 -11.664 1.00 16.57 ? 9011 HOH A O     1 
HETATM 269 O  O     . HOH D 3 .  ? 1.090   0.046   10.241  1.00 16.29 ? 9012 HOH A O     1 
HETATM 270 O  O     . HOH D 3 .  ? -6.859  1.901   14.569  1.00 31.32 ? 9013 HOH A O     1 
HETATM 271 O  O     . HOH D 3 .  ? -10.015 6.132   5.194   1.00 21.48 ? 9014 HOH A O     1 
HETATM 272 O  O     . HOH D 3 .  ? -11.914 -0.290  3.879   1.00 26.81 ? 9015 HOH A O     1 
HETATM 273 O  O     . HOH D 3 .  ? 4.409   -15.516 -12.299 1.00 23.97 ? 9016 HOH A O     1 
HETATM 274 O  O     . HOH D 3 .  ? -0.418  -0.245  -5.028  1.00 18.83 ? 9017 HOH A O     1 
HETATM 275 O  O     . HOH D 3 .  ? -8.489  2.471   9.966   1.00 21.22 ? 9018 HOH A O     1 
HETATM 276 O  O     . HOH D 3 .  ? -0.667  1.820   4.196   1.00 21.11 ? 9019 HOH A O     1 
HETATM 277 O  O     . HOH D 3 .  ? -2.879  9.524   -2.675  1.00 25.03 ? 9020 HOH A O     1 
HETATM 278 O  O     . HOH D 3 .  ? 1.164   1.618   7.767   1.00 20.42 ? 9021 HOH A O     1 
HETATM 279 O  O     . HOH D 3 .  ? 1.426   6.186   11.226  1.00 20.85 ? 9022 HOH A O     1 
HETATM 280 O  O     . HOH D 3 .  ? 1.474   0.599   -8.231  1.00 23.47 ? 9023 HOH A O     1 
HETATM 281 O  O     . HOH D 3 .  ? 0.681   -1.544  -7.310  1.00 19.95 ? 9024 HOH A O     1 
HETATM 282 O  O     . HOH D 3 .  ? -7.091  8.180   1.263   1.00 22.04 ? 9025 HOH A O     1 
HETATM 283 O  O     . HOH D 3 .  ? -8.564  0.636   13.166  1.00 27.31 ? 9026 HOH A O     1 
HETATM 284 O  O     . HOH D 3 .  ? 0.734   -6.013  -12.653 1.00 24.55 ? 9027 HOH A O     1 
HETATM 285 O  O     . HOH D 3 .  ? -6.081  -5.558  10.483  1.00 28.41 ? 9028 HOH A O     1 
HETATM 286 O  O     . HOH D 3 .  ? 2.914   2.974   11.727  1.00 22.96 ? 9029 HOH A O     1 
HETATM 287 O  O     . HOH D 3 .  ? -2.842  1.183   3.932   1.00 24.88 ? 9030 HOH A O     1 
HETATM 288 O  O     . HOH D 3 .  ? 4.529   -10.920 -4.832  1.00 33.03 ? 9031 HOH A O     1 
HETATM 289 O  O     . HOH D 3 .  ? 0.910   -0.195  5.781   1.00 24.04 ? 9032 HOH A O     1 
HETATM 290 O  O     . HOH D 3 .  ? 2.825   8.727   -2.646  0.50 18.62 ? 9033 HOH A O     1 
HETATM 291 O  O     . HOH D 3 .  ? 4.551   -2.679  16.781  1.00 27.00 ? 9034 HOH A O     1 
HETATM 292 O  O     . HOH D 3 .  ? -7.026  -5.786  5.998   1.00 31.30 ? 9035 HOH A O     1 
HETATM 293 O  O     . HOH D 3 .  ? 1.122   0.514   2.459   1.00 27.01 ? 9036 HOH A O     1 
HETATM 294 O  O     . HOH D 3 .  ? 2.867   -8.027  -12.618 1.00 27.62 ? 9037 HOH A O     1 
HETATM 295 O  O     . HOH D 3 .  ? 10.157  -0.443  -6.818  1.00 34.51 ? 9038 HOH A O     1 
HETATM 296 O  O     . HOH D 3 .  ? -12.353 -2.802  5.118   0.50 41.34 ? 9039 HOH A O     1 
HETATM 297 O  O     . HOH D 3 .  ? 8.767   -12.694 -6.885  1.00 39.09 ? 9040 HOH A O     1 
HETATM 298 O  O     . HOH D 3 .  ? -3.618  -1.312  4.980   1.00 29.45 ? 9041 HOH A O     1 
HETATM 299 O  O     . HOH D 3 .  ? -1.858  3.026   -7.383  1.00 27.49 ? 9042 HOH A O     1 
HETATM 300 O  O     . HOH D 3 .  ? -11.038 3.569   5.393   1.00 28.35 ? 9043 HOH A O     1 
HETATM 301 O  O     . HOH D 3 .  ? 2.185   -3.925  -11.335 1.00 28.36 ? 9044 HOH A O     1 
HETATM 302 O  O     . HOH D 3 .  ? -0.447  -2.244  -9.376  1.00 41.56 ? 9045 HOH A O     1 
HETATM 303 O  O     . HOH D 3 .  ? -1.179  0.206   -8.533  1.00 32.55 ? 9046 HOH A O     1 
HETATM 304 O  O     . HOH D 3 .  ? 0.404   -0.098  -11.004 1.00 36.37 ? 9047 HOH A O     1 
HETATM 305 O  O     . HOH D 3 .  ? 3.670   8.782   13.126  1.00 29.76 ? 9048 HOH A O     1 
HETATM 306 O  O     . HOH D 3 .  ? 4.988   4.524   11.609  1.00 38.67 ? 9049 HOH A O     1 
HETATM 307 O  O     . HOH D 3 .  ? 7.615   -3.038  14.669  1.00 36.73 ? 9050 HOH A O     1 
HETATM 308 O  O     . HOH D 3 .  ? -0.773  -1.789  4.706   1.00 36.48 ? 9051 HOH A O     1 
HETATM 309 O  O     . HOH D 3 .  ? -6.983  -4.389  3.277   1.00 45.48 ? 9052 HOH A O     1 
HETATM 310 O  O     . HOH D 3 .  ? -12.501 2.855   2.685   1.00 38.49 ? 9053 HOH A O     1 
HETATM 311 O  O     . HOH D 3 .  ? 2.345   -2.380  20.236  1.00 39.08 ? 9054 HOH A O     1 
HETATM 312 O  O     . HOH D 3 .  ? -5.187  -1.146  15.075  1.00 32.85 ? 9055 HOH A O     1 
HETATM 313 O  O     . HOH D 3 .  ? -4.566  2.220   -3.698  1.00 25.04 ? 9056 HOH A O     1 
HETATM 314 O  O     . HOH D 3 .  ? 0.599   9.369   -11.292 1.00 30.64 ? 9057 HOH A O     1 
HETATM 315 O  O     . HOH D 3 .  ? 5.322   9.132   -11.185 0.50 23.59 ? 9058 HOH A O     1 
HETATM 316 O  O     . HOH D 3 .  ? -7.468  -4.991  13.090  1.00 34.89 ? 9059 HOH A O     1 
HETATM 317 O  O     . HOH D 3 .  ? -12.476 1.875   0.609   1.00 40.04 ? 9060 HOH A O     1 
HETATM 318 O  O     . HOH D 3 .  ? -10.806 -2.998  3.449   0.50 20.08 ? 9061 HOH A O     1 
HETATM 319 O  O     . HOH D 3 .  ? 1.786   -14.456 -5.183  1.00 34.00 ? 9062 HOH A O     1 
HETATM 320 O  O     . HOH D 3 .  ? 4.099   7.245   -3.852  1.00 40.40 ? 9063 HOH A O     1 
HETATM 321 O  O     . HOH D 3 .  ? 7.849   3.338   -5.042  1.00 25.19 ? 9064 HOH A O     1 
HETATM 322 O  O     . HOH D 3 .  ? 8.763   -6.515  -5.431  1.00 28.57 ? 9065 HOH A O     1 
HETATM 323 O  O     . HOH D 3 .  ? 8.475   -3.542  -13.801 1.00 40.71 ? 9066 HOH A O     1 
HETATM 324 O  O     . HOH D 3 .  ? -4.919  -3.654  2.403   1.00 48.62 ? 9067 HOH A O     1 
HETATM 325 O  O     . HOH D 3 .  ? -2.678  -5.585  9.018   1.00 37.30 ? 9068 HOH A O     1 
HETATM 326 O  O     . HOH D 3 .  ? -9.465  4.558   8.429   1.00 27.37 ? 9069 HOH A O     1 
HETATM 327 O  O     . HOH D 3 .  ? -9.414  6.334   9.887   1.00 34.73 ? 9070 HOH A O     1 
HETATM 328 O  O     . HOH D 3 .  ? -11.587 -0.848  1.384   1.00 44.43 ? 9071 HOH A O     1 
HETATM 329 O  O     . HOH D 3 .  ? 11.992  -5.621  -8.891  1.00 28.81 ? 9072 HOH A O     1 
HETATM 330 O  O     . HOH D 3 .  ? 9.693   -13.629 -9.026  1.00 41.14 ? 9073 HOH A O     1 
HETATM 331 O  O     . HOH D 3 .  ? 6.999   7.448   -10.636 0.50 28.96 ? 9074 HOH A O     1 
HETATM 332 O  O     . HOH D 3 .  ? -5.305  5.070   -10.292 1.00 45.48 ? 9075 HOH A O     1 
# 
loop_
_atom_site_anisotrop.id 
_atom_site_anisotrop.type_symbol 
_atom_site_anisotrop.pdbx_label_atom_id 
_atom_site_anisotrop.pdbx_label_alt_id 
_atom_site_anisotrop.pdbx_label_comp_id 
_atom_site_anisotrop.pdbx_label_asym_id 
_atom_site_anisotrop.pdbx_label_seq_id 
_atom_site_anisotrop.pdbx_PDB_ins_code 
_atom_site_anisotrop.U[1][1] 
_atom_site_anisotrop.U[2][2] 
_atom_site_anisotrop.U[3][3] 
_atom_site_anisotrop.U[1][2] 
_atom_site_anisotrop.U[1][3] 
_atom_site_anisotrop.U[2][3] 
_atom_site_anisotrop.pdbx_auth_seq_id 
_atom_site_anisotrop.pdbx_auth_comp_id 
_atom_site_anisotrop.pdbx_auth_asym_id 
_atom_site_anisotrop.pdbx_auth_atom_id 
1   O  "O5'" . C   A 1  ? 0.2850 0.3089 0.2265 0.0620  0.0305  0.0077  1001 C   A "O5'" 
2   C  "C5'" . C   A 1  ? 0.1659 0.2601 0.2209 0.0368  -0.0084 -0.0267 1001 C   A "C5'" 
3   C  "C4'" . C   A 1  ? 0.1805 0.1949 0.1863 0.0430  -0.0218 -0.0538 1001 C   A "C4'" 
4   O  "O4'" . C   A 1  ? 0.1727 0.1558 0.1551 0.0133  -0.0199 -0.0130 1001 C   A "O4'" 
5   C  "C3'" . C   A 1  ? 0.1679 0.1473 0.1874 0.0203  0.0005  -0.0430 1001 C   A "C3'" 
6   O  "O3'" . C   A 1  ? 0.2170 0.1634 0.1802 0.0450  -0.0313 -0.0479 1001 C   A "O3'" 
7   C  "C2'" . C   A 1  ? 0.1795 0.1418 0.1484 0.0135  -0.0102 -0.0190 1001 C   A "C2'" 
8   O  "O2'" . C   A 1  ? 0.2080 0.1421 0.1795 0.0120  -0.0277 -0.0067 1001 C   A "O2'" 
9   C  "C1'" . C   A 1  ? 0.1694 0.1468 0.1224 0.0158  -0.0077 -0.0021 1001 C   A "C1'" 
10  N  N1    . C   A 1  ? 0.1706 0.1360 0.1228 0.0079  -0.0111 -0.0111 1001 C   A N1    
11  C  C2    . C   A 1  ? 0.1766 0.1236 0.1188 0.0070  -0.0031 -0.0254 1001 C   A C2    
12  O  O2    . C   A 1  ? 0.1861 0.1330 0.1345 0.0140  0.0081  -0.0089 1001 C   A O2    
13  N  N3    . C   A 1  ? 0.1735 0.1307 0.1151 -0.0052 -0.0039 -0.0126 1001 C   A N3    
14  C  C4    . C   A 1  ? 0.1784 0.1204 0.1171 -0.0157 0.0089  -0.0312 1001 C   A C4    
15  N  N4    . C   A 1  ? 0.1723 0.1316 0.1419 -0.0129 0.0081  -0.0121 1001 C   A N4    
16  C  C5    . C   A 1  ? 0.1830 0.1396 0.1268 -0.0055 0.0077  -0.0165 1001 C   A C5    
17  C  C6    . C   A 1  ? 0.1883 0.1299 0.1303 -0.0121 -0.0054 -0.0239 1001 C   A C6    
18  P  P     . G   A 2  ? 0.2214 0.1505 0.1754 0.0216  -0.0186 -0.0351 1002 G   A P     
19  O  OP1   . G   A 2  ? 0.2690 0.1844 0.2168 0.0539  -0.0157 -0.0769 1002 G   A OP1   
20  O  OP2   . G   A 2  ? 0.2245 0.1876 0.1520 0.0142  0.0064  -0.0327 1002 G   A OP2   
21  O  "O5'" . G   A 2  ? 0.2173 0.1415 0.1620 0.0214  -0.0201 -0.0072 1002 G   A "O5'" 
22  C  "C5'" . G   A 2  ? 0.2261 0.1662 0.1611 0.0187  -0.0447 0.0161  1002 G   A "C5'" 
23  C  "C4'" . G   A 2  ? 0.2282 0.1452 0.1561 0.0077  -0.0262 0.0035  1002 G   A "C4'" 
24  O  "O4'" . G   A 2  ? 0.2312 0.1544 0.1544 0.0041  -0.0302 0.0085  1002 G   A "O4'" 
25  C  "C3'" . G   A 2  ? 0.2174 0.1278 0.2222 0.0098  -0.0618 -0.0241 1002 G   A "C3'" 
26  O  "O3'" . G   A 2  ? 0.2334 0.1063 0.1868 -0.0044 -0.0437 0.0077  1002 G   A "O3'" 
27  C  "C2'" . G   A 2  ? 0.2217 0.1359 0.1481 -0.0101 -0.0236 -0.0031 1002 G   A "C2'" 
28  O  "O2'" . G   A 2  ? 0.2949 0.1715 0.1963 -0.0464 -0.0260 0.0408  1002 G   A "O2'" 
29  C  "C1'" . G   A 2  ? 0.2261 0.1349 0.1547 0.0029  -0.0212 0.0017  1002 G   A "C1'" 
30  N  N9    . G   A 2  ? 0.2013 0.1275 0.1290 0.0068  -0.0073 -0.0143 1002 G   A N9    
31  C  C8    . G   A 2  ? 0.1867 0.1422 0.1350 0.0065  -0.0270 -0.0215 1002 G   A C8    
32  N  N7    . G   A 2  ? 0.1778 0.1578 0.1264 0.0140  0.0022  -0.0042 1002 G   A N7    
33  C  C5    . G   A 2  ? 0.1822 0.1140 0.1232 -0.0003 -0.0010 -0.0309 1002 G   A C5    
34  C  C6    . G   A 2  ? 0.1815 0.1245 0.0889 0.0033  0.0168  -0.0109 1002 G   A C6    
35  O  O6    . G   A 2  ? 0.1758 0.1184 0.1223 0.0055  0.0083  -0.0101 1002 G   A O6    
36  N  N1    . G   A 2  ? 0.1803 0.1260 0.1061 0.0009  0.0048  -0.0134 1002 G   A N1    
37  C  C2    . G   A 2  ? 0.1722 0.1350 0.1110 -0.0041 0.0021  -0.0102 1002 G   A C2    
38  N  N2    . G   A 2  ? 0.1790 0.1476 0.1244 0.0076  0.0102  -0.0046 1002 G   A N2    
39  N  N3    . G   A 2  ? 0.1868 0.1402 0.1276 -0.0005 -0.0095 0.0032  1002 G   A N3    
40  C  C4    . G   A 2  ? 0.1852 0.1085 0.1234 -0.0054 -0.0063 -0.0258 1002 G   A C4    
41  P  P     . C   A 3  ? 0.2251 0.1192 0.1963 0.0106  -0.0329 -0.0134 1003 C   A P     
42  O  OP1   . C   A 3  ? 0.2776 0.1119 0.2430 0.0175  -0.0496 -0.0340 1003 C   A OP1   
43  O  OP2   . C   A 3  ? 0.1993 0.1516 0.1895 0.0124  -0.0150 -0.0420 1003 C   A OP2   
44  O  "O5'" . C   A 3  ? 0.1960 0.1169 0.1773 -0.0049 -0.0237 -0.0036 1003 C   A "O5'" 
45  C  "C5'" . C   A 3  ? 0.2217 0.1217 0.1772 -0.0126 -0.0168 0.0236  1003 C   A "C5'" 
46  C  "C4'" . C   A 3  ? 0.2004 0.1018 0.1495 -0.0209 0.0056  -0.0005 1003 C   A "C4'" 
47  O  "O4'" . C   A 3  ? 0.2067 0.1060 0.1345 -0.0341 -0.0028 0.0082  1003 C   A "O4'" 
48  C  "C3'" . C   A 3  ? 0.1704 0.1155 0.1517 -0.0036 -0.0149 -0.0068 1003 C   A "C3'" 
49  O  "O3'" . C   A 3  ? 0.1685 0.1091 0.1698 -0.0262 0.0029  -0.0031 1003 C   A "O3'" 
50  C  "C2'" . C   A 3  ? 0.1559 0.1189 0.1344 -0.0161 0.0182  -0.0075 1003 C   A "C2'" 
51  O  "O2'" . C   A 3  ? 0.1665 0.1332 0.1368 -0.0235 0.0338  -0.0024 1003 C   A "O2'" 
52  C  "C1'" . C   A 3  ? 0.1784 0.1027 0.1338 -0.0250 0.0070  0.0144  1003 C   A "C1'" 
53  N  N1    . C   A 3  ? 0.1756 0.0841 0.1230 -0.0136 0.0056  -0.0067 1003 C   A N1    
54  C  C2    . C   A 3  ? 0.1569 0.0960 0.0978 -0.0109 0.0179  0.0014  1003 C   A C2    
55  O  O2    . C   A 3  ? 0.1556 0.1006 0.1261 -0.0137 0.0310  -0.0005 1003 C   A O2    
56  N  N3    . C   A 3  ? 0.1535 0.0872 0.0992 -0.0146 0.0166  -0.0062 1003 C   A N3    
57  C  C4    . C   A 3  ? 0.1544 0.1024 0.1004 -0.0047 0.0062  -0.0112 1003 C   A C4    
58  N  N4    . C   A 3  ? 0.1540 0.1271 0.1103 -0.0234 0.0134  -0.0149 1003 C   A N4    
59  C  C5    . C   A 3  ? 0.1639 0.1053 0.1140 -0.0022 -0.0146 -0.0169 1003 C   A C5    
60  C  C6    . C   A 3  ? 0.1767 0.1194 0.1090 0.0035  0.0151  0.0056  1003 C   A C6    
61  P  P     . G   A 4  ? 0.1723 0.1183 0.1982 -0.0114 0.0078  -0.0395 1004 G   A P     
62  O  OP1   . G   A 4  ? 0.2370 0.0963 0.2961 -0.0126 0.0047  -0.0297 1004 G   A OP1   
63  O  OP2   . G   A 4  ? 0.1808 0.1707 0.1900 -0.0139 0.0157  -0.0471 1004 G   A OP2   
64  O  "O5'" . G   A 4  ? 0.1717 0.1204 0.1724 -0.0235 0.0378  -0.0181 1004 G   A "O5'" 
65  C  "C5'" . G   A 4  ? 0.1864 0.1367 0.1574 -0.0521 -0.0021 0.0093  1004 G   A "C5'" 
66  C  "C4'" . G   A 4  ? 0.1642 0.1363 0.1179 -0.0465 0.0204  -0.0012 1004 G   A "C4'" 
67  O  "O4'" . G   A 4  ? 0.2006 0.1301 0.1136 -0.0573 0.0285  0.0091  1004 G   A "O4'" 
68  C  "C3'" . G   A 4  ? 0.1842 0.1151 0.1092 -0.0360 0.0160  -0.0038 1004 G   A "C3'" 
69  O  "O3'" . G   A 4  ? 0.1772 0.1571 0.1194 -0.0418 0.0144  -0.0182 1004 G   A "O3'" 
70  C  "C2'" . G   A 4  ? 0.1450 0.1274 0.1260 -0.0220 0.0166  -0.0010 1004 G   A "C2'" 
71  O  "O2'" . G   A 4  ? 0.1537 0.1783 0.1446 -0.0304 0.0242  -0.0112 1004 G   A "O2'" 
72  C  "C1'" . G   A 4  ? 0.1575 0.1228 0.1141 -0.0430 0.0319  0.0020  1004 G   A "C1'" 
73  N  N9    . G   A 4  ? 0.1653 0.0949 0.1169 -0.0330 0.0152  -0.0056 1004 G   A N9    
74  C  C8    . G   A 4  ? 0.1612 0.1054 0.1082 -0.0311 0.0162  0.0073  1004 G   A C8    
75  N  N7    . G   A 4  ? 0.1567 0.0871 0.1105 -0.0175 0.0330  -0.0055 1004 G   A N7    
76  C  C5    . G   A 4  ? 0.1457 0.0949 0.0898 -0.0154 0.0176  0.0005  1004 G   A C5    
77  C  C6    . G   A 4  ? 0.1322 0.0882 0.1081 -0.0109 0.0464  0.0012  1004 G   A C6    
78  O  O6    . G   A 4  ? 0.1424 0.0817 0.1026 -0.0084 0.0292  0.0028  1004 G   A O6    
79  N  N1    . G   A 4  ? 0.1430 0.1040 0.1179 -0.0077 0.0245  -0.0059 1004 G   A N1    
80  C  C2    . G   A 4  ? 0.1425 0.1042 0.1115 -0.0040 0.0279  -0.0074 1004 G   A C2    
81  N  N2    . G   A 4  ? 0.1583 0.1130 0.1732 0.0004  0.0181  0.0177  1004 G   A N2    
82  N  N3    . G   A 4  ? 0.1442 0.1054 0.1266 -0.0156 0.0102  -0.0042 1004 G   A N3    
83  C  C4    . G   A 4  ? 0.1420 0.1021 0.1189 -0.0222 0.0361  0.0057  1004 G   A C4    
84  P  P     . A   A 5  ? 0.2211 0.1742 0.1194 -0.0348 0.0221  -0.0234 1005 A   A P     
85  O  OP1   . A   A 5  ? 0.3345 0.2250 0.1523 -0.0885 0.0076  -0.0464 1005 A   A OP1   
86  O  OP2   . A   A 5  ? 0.2302 0.1958 0.2037 0.0024  0.0795  -0.0189 1005 A   A OP2   
87  O  "O5'" . A   A 5  ? 0.1799 0.1881 0.1055 -0.0340 0.0148  -0.0009 1005 A   A "O5'" 
88  C  "C5'" . A   A 5  ? 0.1843 0.1883 0.1338 -0.0394 0.0198  0.0120  1005 A   A "C5'" 
89  C  "C4'" . A   A 5  ? 0.1665 0.1811 0.1235 -0.0371 0.0133  -0.0006 1005 A   A "C4'" 
90  O  "O4'" . A   A 5  ? 0.1561 0.1886 0.1246 -0.0378 0.0067  0.0141  1005 A   A "O4'" 
91  C  "C3'" . A   A 5  ? 0.1753 0.1770 0.1153 -0.0338 -0.0008 0.0178  1005 A   A "C3'" 
92  O  "O3'" . A   A 5  ? 0.1996 0.2449 0.1202 -0.0730 -0.0073 0.0267  1005 A   A "O3'" 
93  C  "C2'" . A   A 5  ? 0.1726 0.1652 0.1281 -0.0134 0.0057  0.0216  1005 A   A "C2'" 
94  O  "O2'" . A   A 5  ? 0.2114 0.1930 0.1756 0.0119  -0.0056 0.0278  1005 A   A "O2'" 
95  C  "C1'" . A   A 5  ? 0.1523 0.1624 0.1304 -0.0206 0.0147  0.0114  1005 A   A "C1'" 
96  N  N9    . A   A 5  ? 0.1449 0.1491 0.1063 -0.0145 0.0234  0.0051  1005 A   A N9    
97  C  C8    . A   A 5  ? 0.1630 0.1483 0.1172 -0.0222 0.0204  0.0127  1005 A   A C8    
98  N  N7    . A   A 5  ? 0.1692 0.1343 0.1085 -0.0197 0.0098  0.0156  1005 A   A N7    
99  C  C5    . A   A 5  ? 0.1555 0.1403 0.0942 -0.0225 0.0213  -0.0012 1005 A   A C5    
100 C  C6    . A   A 5  ? 0.1513 0.1295 0.1016 -0.0180 0.0315  -0.0281 1005 A   A C6    
101 N  N6    . A   A 5  ? 0.1563 0.1462 0.1111 -0.0188 0.0267  -0.0272 1005 A   A N6    
102 N  N1    . A   A 5  ? 0.1584 0.1347 0.1342 -0.0200 0.0363  -0.0265 1005 A   A N1    
103 C  C2    . A   A 5  ? 0.1741 0.1143 0.1270 -0.0141 0.0425  -0.0200 1005 A   A C2    
104 N  N3    . A   A 5  ? 0.1623 0.1484 0.1232 -0.0060 0.0153  0.0042  1005 A   A N3    
105 C  C4    . A   A 5  ? 0.1518 0.1416 0.0872 -0.0171 0.0304  0.0021  1005 A   A C4    
106 P  P     . A   A 6  ? 0.2342 0.2419 0.1242 -0.0616 -0.0016 -0.0001 1006 A   A P     
107 O  OP1   . A   A 6  ? 0.2812 0.3611 0.1600 -0.1140 -0.0281 -0.0275 1006 A   A OP1   
108 O  OP2   . A   A 6  ? 0.3396 0.2085 0.1879 -0.0166 -0.0265 -0.0217 1006 A   A OP2   
109 O  "O5'" . A   A 6  ? 0.1837 0.2550 0.1448 -0.0359 -0.0008 0.0436  1006 A   A "O5'" 
110 C  "C5'" . A   A 6  ? 0.1989 0.2677 0.2031 -0.0232 0.0067  0.0533  1006 A   A "C5'" 
111 C  "C4'" . A   A 6  ? 0.1878 0.2345 0.1707 0.0040  0.0075  0.0455  1006 A   A "C4'" 
112 O  "O4'" . A   A 6  ? 0.1730 0.2242 0.1562 0.0104  0.0298  0.0412  1006 A   A "O4'" 
113 C  "C3'" . A   A 6  ? 0.1907 0.2259 0.1473 -0.0132 0.0016  0.0294  1006 A   A "C3'" 
114 O  "O3'" . A   A 6  ? 0.2169 0.1999 0.1557 0.0026  -0.0065 0.0249  1006 A   A "O3'" 
115 C  "C2'" . A   A 6  ? 0.1960 0.1962 0.1325 0.0005  0.0298  0.0117  1006 A   A "C2'" 
116 O  "O2'" . A   A 6  ? 0.1949 0.2141 0.1907 -0.0064 0.0222  0.0614  1006 A   A "O2'" 
117 C  "C1'" . A   A 6  ? 0.1685 0.2329 0.1371 0.0084  0.0365  0.0272  1006 A   A "C1'" 
118 N  N9    . A   A 6  ? 0.1571 0.2053 0.1248 -0.0052 0.0302  0.0061  1006 A   A N9    
119 C  C8    . A   A 6  ? 0.1561 0.1919 0.1553 0.0051  0.0128  -0.0187 1006 A   A C8    
120 N  N7    . A   A 6  ? 0.1370 0.2049 0.1319 0.0050  0.0241  -0.0103 1006 A   A N7    
121 C  C5    . A   A 6  ? 0.1539 0.1782 0.1185 0.0082  0.0226  -0.0499 1006 A   A C5    
122 C  C6    . A   A 6  ? 0.1558 0.2016 0.1094 0.0044  0.0185  -0.0431 1006 A   A C6    
123 N  N6    . A   A 6  ? 0.1824 0.2068 0.1258 0.0356  0.0171  -0.0489 1006 A   A N6    
124 N  N1    . A   A 6  ? 0.1524 0.2158 0.1386 -0.0054 0.0237  -0.0444 1006 A   A N1    
125 C  C2    . A   A 6  ? 0.1931 0.2094 0.1499 -0.0123 0.0005  -0.0390 1006 A   A C2    
126 N  N3    . A   A 6  ? 0.1739 0.1853 0.1460 -0.0009 0.0258  -0.0376 1006 A   A N3    
127 C  C4    . A   A 6  ? 0.1480 0.2023 0.1079 -0.0011 0.0426  -0.0198 1006 A   A C4    
128 P  P     . U   A 7  ? 0.2361 0.1776 0.1457 -0.0064 -0.0073 0.0216  1007 U   A P     
129 O  OP1   . U   A 7  ? 0.2408 0.3138 0.1621 0.0310  -0.0303 0.0002  1007 U   A OP1   
130 O  OP2   . U   A 7  ? 0.3576 0.1588 0.2017 -0.0087 -0.0085 0.0182  1007 U   A OP2   
131 O  "O5'" . U   A 7  ? 0.2218 0.1905 0.1296 0.0034  -0.0034 0.0522  1007 U   A "O5'" 
132 C  "C5'" . U   A 7  ? 0.1867 0.1962 0.1729 0.0119  0.0182  0.0761  1007 U   A "C5'" 
133 C  "C4'" . U   A 7  ? 0.1858 0.1694 0.1690 0.0292  0.0249  0.0274  1007 U   A "C4'" 
134 O  "O4'" . U   A 7  ? 0.1844 0.1837 0.1741 0.0343  0.0259  -0.0047 1007 U   A "O4'" 
135 C  "C3'" . U   A 7  ? 0.1817 0.1401 0.1511 0.0047  0.0396  0.0461  1007 U   A "C3'" 
136 O  "O3'" . U   A 7  ? 0.2515 0.1633 0.1549 0.0444  0.0371  0.0380  1007 U   A "O3'" 
137 C  "C2'" . U   A 7  ? 0.1773 0.1587 0.1751 -0.0014 0.0396  0.0184  1007 U   A "C2'" 
138 O  "O2'" . U   A 7  ? 0.2274 0.1617 0.1976 -0.0226 0.0531  0.0086  1007 U   A "O2'" 
139 C  "C1'" . U   A 7  ? 0.1678 0.2193 0.1652 0.0122  0.0300  0.0367  1007 U   A "C1'" 
140 N  N1    . U   A 7  ? 0.1797 0.1875 0.1510 0.0339  0.0396  0.0072  1007 U   A N1    
141 C  C2    . U   A 7  ? 0.1983 0.1619 0.1414 0.0324  0.0229  -0.0162 1007 U   A C2    
142 O  O2    . U   A 7  ? 0.2085 0.1660 0.1975 0.0159  0.0201  -0.0164 1007 U   A O2    
143 N  N3    . U   A 7  ? 0.1858 0.1656 0.1169 0.0347  0.0378  -0.0207 1007 U   A N3    
144 C  C4    . U   A 7  ? 0.1862 0.1983 0.1031 0.0178  0.0262  -0.0069 1007 U   A C4    
145 O  O4    . U   A 7  ? 0.1939 0.1944 0.0994 0.0356  0.0294  0.0000  1007 U   A O4    
146 C  C5    . U   A 7  ? 0.1816 0.2020 0.1108 0.0296  0.0311  0.0091  1007 U   A C5    
147 C  C6    . U   A 7  ? 0.1922 0.1649 0.1243 0.0358  0.0357  -0.0185 1007 U   A C6    
148 P  P     . U   A 8  ? 0.2615 0.1776 0.1501 0.0371  0.0201  0.0184  1008 U   A P     
149 O  OP1   . U   A 8  ? 0.3232 0.2335 0.1470 0.0385  0.0207  0.0338  1008 U   A OP1   
150 O  OP2   . U   A 8  ? 0.3221 0.1706 0.2059 0.0171  -0.0264 0.0297  1008 U   A OP2   
151 O  "O5'" . U   A 8  ? 0.2388 0.1975 0.1574 0.0619  0.0575  0.0504  1008 U   A "O5'" 
152 C  "C5'" . U   A 8  ? 0.2246 0.2155 0.2231 0.0630  0.0884  0.1028  1008 U   A "C5'" 
153 C  "C4'" . U   A 8  ? 0.2193 0.2228 0.2172 0.0502  0.0958  0.0549  1008 U   A "C4'" 
154 O  "O4'" . U   A 8  ? 0.2380 0.1484 0.2038 0.0265  0.0581  0.0287  1008 U   A "O4'" 
155 C  "C3'" . U   A 8  ? 0.2222 0.2287 0.1948 0.0730  0.1025  0.0666  1008 U   A "C3'" 
156 O  "O3'" . U   A 8  ? 0.2860 0.2801 0.2293 0.1207  0.1417  0.0975  1008 U   A "O3'" 
157 C  "C2'" . U   A 8  ? 0.2054 0.2227 0.2282 0.0357  0.0774  0.0469  1008 U   A "C2'" 
158 O  "O2'" . U   A 8  ? 0.2309 0.2087 0.3456 0.0274  0.0874  0.0809  1008 U   A "O2'" 
159 C  "C1'" . U   A 8  ? 0.2353 0.1169 0.2146 0.0254  0.0653  0.0133  1008 U   A "C1'" 
160 N  N1    . U   A 8  ? 0.2075 0.1320 0.1271 0.0157  0.0312  -0.0004 1008 U   A N1    
161 C  C2    . U   A 8  ? 0.1860 0.1308 0.1441 0.0302  0.0415  -0.0007 1008 U   A C2    
162 O  O2    . U   A 8  ? 0.1883 0.1983 0.1988 0.0138  0.0245  0.0177  1008 U   A O2    
163 N  N3    . U   A 8  ? 0.1766 0.1466 0.1106 0.0303  0.0423  -0.0005 1008 U   A N3    
164 C  C4    . U   A 8  ? 0.1876 0.1353 0.1048 0.0242  0.0313  0.0028  1008 U   A C4    
165 O  O4    . U   A 8  ? 0.1814 0.1311 0.1292 0.0226  0.0362  0.0088  1008 U   A O4    
166 C  C5    . U   A 8  ? 0.1926 0.1396 0.1169 0.0402  0.0338  0.0068  1008 U   A C5    
167 C  C6    . U   A 8  ? 0.2159 0.1307 0.1437 0.0248  0.0269  0.0004  1008 U   A C6    
168 P  P     . A   A 9  ? 0.3028 0.4312 0.1607 0.1717  0.0744  0.0645  1009 A   A P     
169 O  OP1   . A   A 9  ? 0.4707 0.5892 0.1859 0.2655  0.1093  0.1580  1009 A   A OP1   
170 O  OP2   . A   A 9  ? 0.2780 0.5514 0.2092 0.1746  0.0273  -0.0699 1009 A   A OP2   
171 O  "O5'" . A   A 9  ? 0.2479 0.2498 0.1932 0.0602  0.0784  0.0464  1009 A   A "O5'" 
172 C  "C5'" . A   A 9  ? 0.2686 0.2548 0.2685 0.1123  0.1535  0.1324  1009 A   A "C5'" 
173 C  "C4'" . A   A 9  ? 0.2596 0.1187 0.2091 0.0446  0.0978  0.0416  1009 A   A "C4'" 
174 O  "O4'" . A   A 9  ? 0.2451 0.0998 0.2278 -0.0012 0.1304  0.0332  1009 A   A "O4'" 
175 C  "C3'" . A   A 9  ? 0.1942 0.1535 0.1686 0.0167  0.0732  0.0214  1009 A   A "C3'" 
176 O  "O3'" . A   A 9  ? 0.1765 0.1489 0.1573 -0.0032 0.0756  0.0230  1009 A   A "O3'" 
177 C  "C2'" . A   A 9  ? 0.1656 0.1030 0.1646 -0.0073 0.0566  0.0038  1009 A   A "C2'" 
178 O  "O2'" . A   A 9  ? 0.1686 0.1286 0.1972 -0.0335 0.0543  -0.0146 1009 A   A "O2'" 
179 C  "C1'" . A   A 9  ? 0.2153 0.0857 0.1949 -0.0276 0.0933  0.0087  1009 A   A "C1'" 
180 N  N9    . A   A 9  ? 0.1926 0.1009 0.1589 0.0027  0.0793  0.0273  1009 A   A N9    
181 C  C8    . A   A 9  ? 0.2085 0.1397 0.1200 -0.0176 0.0489  0.0228  1009 A   A C8    
182 N  N7    . A   A 9  ? 0.1823 0.1191 0.1054 -0.0037 0.0407  0.0103  1009 A   A N7    
183 C  C5    . A   A 9  ? 0.1591 0.1064 0.1033 -0.0006 0.0474  0.0039  1009 A   A C5    
184 C  C6    . A   A 9  ? 0.1464 0.0915 0.1043 -0.0051 0.0413  -0.0062 1009 A   A C6    
185 N  N6    . A   A 9  ? 0.1367 0.1038 0.1048 0.0004  0.0405  0.0025  1009 A   A N6    
186 N  N1    . A   A 9  ? 0.1448 0.0923 0.1216 -0.0061 0.0323  0.0077  1009 A   A N1    
187 C  C2    . A   A 9  ? 0.1521 0.1147 0.1334 -0.0072 0.0337  0.0067  1009 A   A C2    
188 N  N3    . A   A 9  ? 0.1503 0.1282 0.1747 -0.0091 0.0573  0.0246  1009 A   A N3    
189 C  C4    . A   A 9  ? 0.1644 0.1147 0.1194 -0.0119 0.0595  0.0082  1009 A   A C4    
190 P  P     . G   A 10 ? 0.1842 0.1965 0.1553 -0.0391 0.0469  0.0062  1010 G   A P     
191 O  OP1   . G   A 10 ? 0.2416 0.2503 0.1573 -0.0864 0.0668  -0.0343 1010 G   A OP1   
192 O  OP2   . G   A 10 ? 0.1845 0.2801 0.2390 -0.0312 0.0147  0.0197  1010 G   A OP2   
193 O  "O5'" . G   A 10 ? 0.1712 0.1333 0.1718 -0.0376 0.0558  -0.0139 1010 G   A "O5'" 
194 C  "C5'" . G   A 10 ? 0.1829 0.1229 0.1898 -0.0073 0.0696  -0.0049 1010 G   A "C5'" 
195 C  "C4'" . G   A 10 ? 0.1653 0.1097 0.1993 -0.0254 0.0719  -0.0100 1010 G   A "C4'" 
196 O  "O4'" . G   A 10 ? 0.1694 0.1061 0.1768 -0.0260 0.0558  -0.0058 1010 G   A "O4'" 
197 C  "C3'" . G   A 10 ? 0.1838 0.1101 0.1959 -0.0241 0.0609  -0.0202 1010 G   A "C3'" 
198 O  "O3'" . G   A 10 ? 0.1903 0.1299 0.2405 -0.0381 0.1071  -0.0295 1010 G   A "O3'" 
199 C  "C2'" . G   A 10 ? 0.1936 0.1056 0.2067 0.0111  0.0713  0.0077  1010 G   A "C2'" 
200 O  "O2'" . G   A 10 ? 0.1848 0.1489 0.2233 0.0109  0.0810  0.0433  1010 G   A "O2'" 
201 C  "C1'" . G   A 10 ? 0.1568 0.0990 0.1711 -0.0166 0.0413  0.0053  1010 G   A "C1'" 
202 N  N9    . G   A 10 ? 0.1523 0.0990 0.1369 -0.0135 0.0370  -0.0126 1010 G   A N9    
203 C  C8    . G   A 10 ? 0.1565 0.1280 0.1284 -0.0348 0.0135  0.0017  1010 G   A C8    
204 N  N7    . G   A 10 ? 0.1508 0.1169 0.1233 -0.0296 0.0049  0.0046  1010 G   A N7    
205 C  C5    . G   A 10 ? 0.1455 0.1008 0.1190 -0.0304 0.0073  -0.0112 1010 G   A C5    
206 C  C6    . G   A 10 ? 0.1416 0.0991 0.1165 -0.0314 -0.0034 -0.0129 1010 G   A C6    
207 O  O6    . G   A 10 ? 0.1484 0.1177 0.1250 -0.0266 0.0065  0.0004  1010 G   A O6    
208 N  N1    . G   A 10 ? 0.1567 0.0995 0.1124 -0.0137 0.0129  -0.0169 1010 G   A N1    
209 C  C2    . G   A 10 ? 0.1561 0.0934 0.0997 -0.0030 0.0267  -0.0177 1010 G   A C2    
210 N  N2    . G   A 10 ? 0.1623 0.1042 0.1294 -0.0154 0.0154  0.0014  1010 G   A N2    
211 N  N3    . G   A 10 ? 0.1604 0.1058 0.1264 -0.0118 0.0271  -0.0071 1010 G   A N3    
212 C  C4    . G   A 10 ? 0.1490 0.0936 0.1445 -0.0198 0.0246  -0.0012 1010 G   A C4    
213 P  P     . C   A 11 ? 0.2542 0.1373 0.2594 -0.0329 0.1180  -0.0527 1011 C   A P     
214 O  OP1   . C   A 11 ? 0.2815 0.2287 0.3685 -0.0529 0.1483  -0.1462 1011 C   A OP1   
215 O  OP2   . C   A 11 ? 0.3136 0.2005 0.2107 -0.0594 0.0671  -0.0337 1011 C   A OP2   
216 O  "O5'" . C   A 11 ? 0.2412 0.1132 0.2873 -0.0409 0.0745  -0.0397 1011 C   A "O5'" 
217 C  "C5'" . C   A 11 ? 0.1885 0.1750 0.4196 -0.0130 0.0965  0.0328  1011 C   A "C5'" 
218 C  "C4'" . C   A 11 ? 0.1791 0.1371 0.3369 -0.0110 0.0672  -0.0004 1011 C   A "C4'" 
219 O  "O4'" . C   A 11 ? 0.1468 0.1291 0.3499 -0.0245 0.0321  -0.0209 1011 C   A "O4'" 
220 C  "C3'" . C   A 11 ? 0.2128 0.1117 0.2922 -0.0115 0.0754  -0.0076 1011 C   A "C3'" 
221 O  "O3'" . C   A 11 ? 0.2414 0.1181 0.3447 -0.0056 0.1036  -0.0056 1011 C   A "O3'" 
222 C  "C2'" . C   A 11 ? 0.1812 0.1269 0.2688 -0.0171 0.0410  0.0057  1011 C   A "C2'" 
223 O  "O2'" . C   A 11 ? 0.2502 0.1522 0.2625 -0.0324 -0.0134 0.0000  1011 C   A "O2'" 
224 C  "C1'" . C   A 11 ? 0.1568 0.1508 0.2062 -0.0330 0.0132  -0.0111 1011 C   A "C1'" 
225 N  N1    . C   A 11 ? 0.1468 0.1278 0.1947 -0.0277 0.0178  -0.0341 1011 C   A N1    
226 C  C2    . C   A 11 ? 0.1692 0.1331 0.1477 -0.0176 0.0226  -0.0404 1011 C   A C2    
227 O  O2    . C   A 11 ? 0.1822 0.1687 0.1495 -0.0152 0.0030  -0.0204 1011 C   A O2    
228 N  N3    . C   A 11 ? 0.1503 0.1433 0.1471 -0.0251 0.0298  -0.0271 1011 C   A N3    
229 C  C4    . C   A 11 ? 0.1593 0.1217 0.1460 -0.0344 0.0236  -0.0346 1011 C   A C4    
230 N  N4    . C   A 11 ? 0.1655 0.1359 0.1615 -0.0204 0.0237  -0.0258 1011 C   A N4    
231 C  C5    . C   A 11 ? 0.1647 0.1158 0.1818 -0.0212 0.0469  -0.0345 1011 C   A C5    
232 C  C6    . C   A 11 ? 0.1643 0.1202 0.2009 -0.0285 0.0268  -0.0262 1011 C   A C6    
233 P  P     . G   A 12 ? 0.3057 0.1176 0.2939 -0.0053 0.1432  -0.0165 1012 G   A P     
234 O  OP1   . G   A 12 ? 0.3064 0.1465 0.4503 0.0100  0.2094  -0.0411 1012 G   A OP1   
235 O  OP2   . G   A 12 ? 0.4466 0.1968 0.2469 0.0155  0.1784  0.0045  1012 G   A OP2   
236 O  "O5'" . G   A 12 ? 0.2454 0.1210 0.2186 0.0169  0.0670  0.0023  1012 G   A "O5'" 
237 C  "C5'" . G   A 12 ? 0.1883 0.0812 0.3090 0.0031  0.0387  0.0456  1012 G   A "C5'" 
238 C  "C4'" . G   A 12 ? 0.1805 0.1350 0.1860 0.0074  0.0159  -0.0169 1012 G   A "C4'" 
239 O  "O4'" . G   A 12 ? 0.1734 0.1159 0.1769 0.0034  -0.0143 -0.0056 1012 G   A "O4'" 
240 C  "C3'" . G   A 12 ? 0.2134 0.1097 0.1701 -0.0006 0.0128  -0.0112 1012 G   A "C3'" 
241 O  "O3'" . G   A 12 ? 0.2721 0.1043 0.2813 0.0303  -0.0308 -0.0344 1012 G   A "O3'" 
242 C  "C2'" . G   A 12 ? 0.1836 0.1141 0.1496 -0.0171 0.0041  0.0030  1012 G   A "C2'" 
243 O  "O2'" . G   A 12 ? 0.2064 0.1347 0.1770 -0.0189 0.0147  0.0208  1012 G   A "O2'" 
244 C  "C1'" . G   A 12 ? 0.1656 0.1233 0.1530 -0.0078 -0.0097 -0.0099 1012 G   A "C1'" 
245 N  N9    . G   A 12 ? 0.1570 0.1093 0.1436 -0.0042 0.0040  -0.0190 1012 G   A N9    
246 C  C8    . G   A 12 ? 0.1627 0.1095 0.1743 -0.0059 0.0153  -0.0124 1012 G   A C8    
247 N  N7    . G   A 12 ? 0.1680 0.1311 0.1231 0.0036  0.0177  -0.0187 1012 G   A N7    
248 C  C5    . G   A 12 ? 0.1623 0.1264 0.1074 -0.0033 0.0089  -0.0241 1012 G   A C5    
249 C  C6    . G   A 12 ? 0.1516 0.1117 0.1023 -0.0185 0.0160  -0.0249 1012 G   A C6    
250 O  O6    . G   A 12 ? 0.1628 0.1157 0.1297 -0.0222 0.0187  -0.0147 1012 G   A O6    
251 N  N1    . G   A 12 ? 0.1580 0.1343 0.0961 -0.0292 0.0120  -0.0155 1012 G   A N1    
252 C  C2    . G   A 12 ? 0.1560 0.1304 0.1045 -0.0099 0.0171  -0.0099 1012 G   A C2    
253 N  N2    . G   A 12 ? 0.1586 0.1366 0.1076 -0.0193 0.0109  -0.0028 1012 G   A N2    
254 N  N3    . G   A 12 ? 0.1547 0.1223 0.1393 -0.0187 0.0075  -0.0191 1012 G   A N3    
255 C  C4    . G   A 12 ? 0.1536 0.1213 0.1216 -0.0048 0.0101  -0.0254 1012 G   A C4    
256 MG MG    . MG  B .  ? 0.2787 0.2305 0.2486 -0.0020 0.0156  0.0283  8001 MG  A MG    
257 MG MG    . MG  C .  ? 0.3485 0.1718 0.2373 0.0419  0.1216  0.0279  8002 MG  A MG    
258 O  O     . HOH D .  ? 0.2013 0.1483 0.1682 -0.0058 0.0227  -0.0064 9001 HOH A O     
259 O  O     . HOH D .  ? 0.2322 0.1571 0.2002 0.0391  0.0615  0.0248  9002 HOH A O     
260 O  O     . HOH D .  ? 0.1939 0.1390 0.1944 -0.0098 0.0152  0.0095  9003 HOH A O     
261 O  O     . HOH D .  ? 0.3057 0.2260 0.2641 0.0282  -0.0012 0.0767  9004 HOH A O     
262 O  O     . HOH D .  ? 0.1932 0.2836 0.2065 -0.0084 0.0382  0.0527  9005 HOH A O     
263 O  O     . HOH D .  ? 0.2054 0.1821 0.2428 -0.0003 -0.0209 0.0016  9006 HOH A O     
264 O  O     . HOH D .  ? 0.2906 0.2987 0.2220 0.0782  -0.0251 -0.0441 9007 HOH A O     
265 O  O     . HOH D .  ? 0.2927 0.1828 0.3814 -0.0017 0.0625  -0.0406 9008 HOH A O     
266 O  O     . HOH D .  ? 0.2418 0.2370 0.2301 0.0583  0.0460  -0.0106 9009 HOH A O     
267 O  O     . HOH D .  ? 0.2606 0.2671 0.2320 0.0567  0.0234  -0.0141 9010 HOH A O     
268 O  O     . HOH D .  ? 0.2667 0.1621 0.2008 -0.0067 0.0417  -0.0157 9011 HOH A O     
269 O  O     . HOH D .  ? 0.2777 0.1685 0.1728 0.0060  -0.0209 -0.0058 9012 HOH A O     
270 O  O     . HOH D .  ? 0.4521 0.5533 0.1845 -0.3257 0.0780  -0.0752 9013 HOH A O     
271 O  O     . HOH D .  ? 0.1868 0.3251 0.3044 0.0113  -0.0235 -0.0327 9014 HOH A O     
272 O  O     . HOH D .  ? 0.2724 0.3809 0.3655 -0.1003 -0.0090 -0.0928 9015 HOH A O     
273 O  O     . HOH D .  ? 0.3524 0.2343 0.3240 0.0891  -0.1048 -0.0903 9016 HOH A O     
274 O  O     . HOH D .  ? 0.3036 0.2299 0.1820 -0.0135 0.0053  0.0284  9017 HOH A O     
275 O  O     . HOH D .  ? 0.2683 0.2217 0.3164 -0.0297 -0.0078 -0.0500 9018 HOH A O     
276 O  O     . HOH D .  ? 0.3566 0.2147 0.2307 -0.0151 0.0269  0.0234  9019 HOH A O     
277 O  O     . HOH D .  ? 0.2851 0.2355 0.4306 -0.0254 0.0512  -0.1456 9020 HOH A O     
278 O  O     . HOH D .  ? 0.2684 0.2193 0.2882 0.0283  -0.0289 0.0643  9021 HOH A O     
279 O  O     . HOH D .  ? 0.2458 0.3162 0.2305 0.0001  0.0285  -0.0088 9022 HOH A O     
280 O  O     . HOH D .  ? 0.2298 0.3186 0.3433 0.0448  -0.0623 -0.0948 9023 HOH A O     
281 O  O     . HOH D .  ? 0.2823 0.2327 0.2429 0.0300  0.0386  0.0324  9024 HOH A O     
282 O  O     . HOH D .  ? 0.2789 0.3649 0.1937 0.1106  0.0038  0.0520  9025 HOH A O     
283 O  O     . HOH D .  ? 0.3406 0.4593 0.2379 -0.1993 0.0631  -0.0401 9026 HOH A O     
284 O  O     . HOH D .  ? 0.3655 0.3827 0.1847 -0.1708 0.0014  0.0694  9027 HOH A O     
285 O  O     . HOH D .  ? 0.2931 0.2352 0.5512 -0.1273 -0.0554 0.0801  9028 HOH A O     
286 O  O     . HOH D .  ? 0.2837 0.3021 0.2868 -0.0444 0.0154  -0.0937 9029 HOH A O     
287 O  O     . HOH D .  ? 0.3749 0.3282 0.2422 0.1221  0.1407  0.0712  9030 HOH A O     
288 O  O     . HOH D .  ? 0.3005 0.6149 0.3397 0.0101  -0.0284 0.2660  9031 HOH A O     
289 O  O     . HOH D .  ? 0.4935 0.1893 0.2305 0.0090  0.0304  0.0075  9032 HOH A O     
290 O  O     . HOH D .  ? 0.2518 0.2370 0.2187 -0.0171 -0.0149 -0.0008 9033 HOH A O     
291 O  O     . HOH D .  ? 0.4936 0.2096 0.3228 0.0607  -0.1212 0.0552  9034 HOH A O     
292 O  O     . HOH D .  ? 0.3763 0.4278 0.3851 -0.1113 0.0615  -0.1693 9035 HOH A O     
293 O  O     . HOH D .  ? 0.3686 0.2864 0.3713 -0.0151 0.1367  -0.0990 9036 HOH A O     
294 O  O     . HOH D .  ? 0.3275 0.4243 0.2975 -0.0809 0.1125  0.1093  9037 HOH A O     
295 O  O     . HOH D .  ? 0.4731 0.5175 0.3206 -0.3091 -0.1766 0.1522  9038 HOH A O     
296 O  O     . HOH D .  ? 0.5741 0.3823 0.6144 -0.0058 -0.0621 -0.2074 9039 HOH A O     
297 O  O     . HOH D .  ? 0.4255 0.6483 0.4115 0.2665  0.0474  0.0301  9040 HOH A O     
298 O  O     . HOH D .  ? 0.4129 0.2631 0.4432 -0.0905 0.1740  -0.0183 9041 HOH A O     
299 O  O     . HOH D .  ? 0.4732 0.2367 0.3346 -0.0225 -0.1691 0.0722  9042 HOH A O     
300 O  O     . HOH D .  ? 0.2529 0.1940 0.6304 0.0264  0.1412  0.0097  9043 HOH A O     
301 O  O     . HOH D .  ? 0.3834 0.2700 0.4242 -0.1283 -0.0039 0.0301  9044 HOH A O     
302 O  O     . HOH D .  ? 0.4094 0.4167 0.7531 -0.0902 0.0780  0.2045  9045 HOH A O     
303 O  O     . HOH D .  ? 0.2193 0.3812 0.6363 -0.0428 -0.0573 0.2451  9046 HOH A O     
304 O  O     . HOH D .  ? 0.7212 0.3102 0.3505 0.1102  -0.1354 0.0173  9047 HOH A O     
305 O  O     . HOH D .  ? 0.3527 0.3421 0.4360 -0.0409 0.1238  0.1126  9048 HOH A O     
306 O  O     . HOH D .  ? 0.3451 0.7063 0.4181 -0.0577 0.0260  -0.1301 9049 HOH A O     
307 O  O     . HOH D .  ? 0.3799 0.4712 0.5446 0.0263  -0.1308 -0.1074 9050 HOH A O     
308 O  O     . HOH D .  ? 0.3398 0.6420 0.4042 0.1174  0.0799  0.0791  9051 HOH A O     
309 O  O     . HOH D .  ? 0.6195 0.3990 0.7094 -0.0202 -0.1115 -0.0210 9052 HOH A O     
310 O  O     . HOH D .  ? 0.3203 0.7613 0.3810 0.0150  0.0411  0.1833  9053 HOH A O     
311 O  O     . HOH D .  ? 0.3683 0.7043 0.4121 0.1062  -0.0187 0.0556  9054 HOH A O     
312 O  O     . HOH D .  ? 0.5038 0.3546 0.3897 0.0183  -0.0059 0.1060  9055 HOH A O     
313 O  O     . HOH D .  ? 0.3534 0.3077 0.2902 0.0270  -0.0309 0.0678  9056 HOH A O     
314 O  O     . HOH D .  ? 0.5460 0.3669 0.2514 0.1685  0.0561  0.0741  9057 HOH A O     
315 O  O     . HOH D .  ? 0.3271 0.2403 0.3286 -0.0154 0.0480  0.0843  9058 HOH A O     
316 O  O     . HOH D .  ? 0.3409 0.3820 0.6027 -0.0242 -0.1102 0.1094  9059 HOH A O     
317 O  O     . HOH D .  ? 0.3718 0.7568 0.3929 -0.0575 0.0459  0.0779  9060 HOH A O     
318 O  O     . HOH D .  ? 0.3514 0.2496 0.1619 -0.0376 -0.0217 0.0389  9061 HOH A O     
319 O  O     . HOH D .  ? 0.6608 0.3925 0.2387 0.0461  -0.0878 -0.1189 9062 HOH A O     
320 O  O     . HOH D .  ? 0.3285 0.4645 0.7420 -0.1306 -0.0504 0.1703  9063 HOH A O     
321 O  O     . HOH D .  ? 0.2931 0.4159 0.2482 -0.0184 -0.0127 -0.0265 9064 HOH A O     
322 O  O     . HOH D .  ? 0.4792 0.3125 0.2936 0.0764  0.0160  0.0793  9065 HOH A O     
323 O  O     . HOH D .  ? 0.6210 0.5324 0.3933 -0.0082 -0.0139 0.1509  9066 HOH A O     
324 O  O     . HOH D .  ? 0.6470 0.6028 0.5978 -0.0374 -0.0025 0.2312  9067 HOH A O     
325 O  O     . HOH D .  ? 0.3764 0.4818 0.5590 -0.0330 -0.0833 -0.1847 9068 HOH A O     
326 O  O     . HOH D .  ? 0.3340 0.3681 0.3376 0.0325  0.1888  0.0536  9069 HOH A O     
327 O  O     . HOH D .  ? 0.4092 0.3028 0.6076 0.0091  -0.1547 -0.0839 9070 HOH A O     
328 O  O     . HOH D .  ? 0.4837 0.3160 0.8885 -0.0234 -0.1390 -0.0304 9071 HOH A O     
329 O  O     . HOH D .  ? 0.2440 0.2721 0.5784 0.0343  0.1072  0.0230  9072 HOH A O     
330 O  O     . HOH D .  ? 0.4382 0.4406 0.6843 -0.1694 0.1118  -0.0271 9073 HOH A O     
331 O  O     . HOH D .  ? 0.2442 0.5828 0.2734 -0.0814 0.0554  0.1301  9074 HOH A O     
332 O  O     . HOH D .  ? 0.6206 0.7509 0.3566 -0.0189 0.1780  0.0015  9075 HOH A O     
# 
